data_7UX7
#
_entry.id   7UX7
#
_cell.length_a   60.694
_cell.length_b   86.334
_cell.length_c   134.504
_cell.angle_alpha   90.00
_cell.angle_beta   90.00
_cell.angle_gamma   90.00
#
_symmetry.space_group_name_H-M   'P 21 21 21'
#
loop_
_entity.id
_entity.type
_entity.pdbx_description
1 polymer MfnG
2 non-polymer S-ADENOSYL-L-HOMOCYSTEINE
3 non-polymer 'UNKNOWN LIGAND'
4 water water
#
_entity_poly.entity_id   1
_entity_poly.type   'polypeptide(L)'
_entity_poly.pdbx_seq_one_letter_code
;MVTPEGNVSLVDESLLVGVTDEDRAVRSAHQFYERLIGLWAPAVMEAAHELGVFAALAEAPADSGELARRLDCDARAMRV
LLDALYAYDVIDRIHDTNGFRYLLSAEARECLLPGTLFSLVGKFMHDINVAWPAWRNLAEVVRHGARDTSGAESPNGIAQ
EDYESLVGGINFWAPPIVTTLSRKLRASGRSGDATASVLDVGCGTGLYSQLLLREFPRWTATGLDVERIATLANAQALRL
GVEERFATRAGDFWRGGWGTGYDLVLFANIFHLQTPASAVRLMRHAAACLAPDGLVAVVDQIVDADREPKTPQDRFALLF
AASMTNTGGGDAYTFQEYEEWFTAAGLQRIETLDTPMHRILLARRATEPSAVPEGQASENLYFQ
;
_entity_poly.pdbx_strand_id   A,B
#
loop_
_chem_comp.id
_chem_comp.type
_chem_comp.name
_chem_comp.formula
UNL non-polymer 'UNKNOWN LIGAND' ?
#
# COMPACT_ATOMS: atom_id res chain seq x y z
N ASN A 7 2.58 -17.22 -3.86
CA ASN A 7 2.67 -15.77 -3.99
C ASN A 7 2.57 -15.10 -2.61
N VAL A 8 2.45 -13.78 -2.61
CA VAL A 8 2.34 -13.00 -1.39
C VAL A 8 0.97 -12.32 -1.39
N SER A 9 -0.01 -12.89 -2.08
CA SER A 9 -1.35 -12.32 -1.98
C SER A 9 -1.91 -12.41 -0.56
N LEU A 10 -2.79 -11.47 -0.24
CA LEU A 10 -3.50 -11.48 1.03
C LEU A 10 -4.92 -11.94 0.88
N VAL A 11 -5.34 -12.27 -0.33
CA VAL A 11 -6.69 -12.73 -0.63
C VAL A 11 -6.59 -14.04 -1.39
N ASP A 12 -7.32 -15.06 -0.98
CA ASP A 12 -7.36 -16.30 -1.75
C ASP A 12 -8.41 -16.12 -2.84
N GLU A 13 -7.95 -15.61 -3.99
CA GLU A 13 -8.85 -15.23 -5.06
C GLU A 13 -9.50 -16.44 -5.71
N SER A 14 -8.95 -17.65 -5.52
CA SER A 14 -9.59 -18.88 -6.02
C SER A 14 -10.95 -19.09 -5.38
N LEU A 15 -11.20 -18.43 -4.26
CA LEU A 15 -12.46 -18.59 -3.51
C LEU A 15 -13.45 -17.45 -3.77
N LEU A 16 -13.16 -16.57 -4.72
CA LEU A 16 -14.06 -15.51 -5.15
C LEU A 16 -14.61 -15.82 -6.53
N VAL A 17 -15.91 -15.74 -6.70
CA VAL A 17 -16.55 -15.95 -7.98
C VAL A 17 -16.71 -14.58 -8.68
N GLY A 18 -17.00 -14.62 -9.97
CA GLY A 18 -16.90 -13.42 -10.79
C GLY A 18 -17.86 -13.33 -11.96
N VAL A 19 -19.08 -13.86 -11.82
CA VAL A 19 -20.04 -13.92 -12.91
C VAL A 19 -21.15 -12.89 -12.74
N THR A 20 -21.90 -12.97 -11.64
CA THR A 20 -23.03 -12.07 -11.43
C THR A 20 -22.55 -10.66 -11.02
N ASP A 21 -23.48 -9.70 -11.06
CA ASP A 21 -23.14 -8.35 -10.64
C ASP A 21 -22.71 -8.34 -9.19
N GLU A 22 -23.38 -9.14 -8.36
N GLU A 22 -23.40 -9.11 -8.34
CA GLU A 22 -23.04 -9.24 -6.96
CA GLU A 22 -23.00 -9.24 -6.95
C GLU A 22 -21.69 -9.93 -6.78
C GLU A 22 -21.61 -9.88 -6.85
N ASP A 23 -21.43 -10.99 -7.55
CA ASP A 23 -20.13 -11.67 -7.52
C ASP A 23 -19.03 -10.67 -7.78
N ARG A 24 -19.21 -9.91 -8.85
CA ARG A 24 -18.15 -9.03 -9.31
C ARG A 24 -17.95 -7.85 -8.36
N ALA A 25 -19.01 -7.33 -7.77
CA ALA A 25 -18.86 -6.30 -6.74
C ALA A 25 -18.09 -6.82 -5.55
N VAL A 26 -18.41 -8.03 -5.10
CA VAL A 26 -17.71 -8.64 -3.97
C VAL A 26 -16.26 -8.86 -4.32
N ARG A 27 -15.98 -9.35 -5.52
CA ARG A 27 -14.60 -9.60 -5.91
C ARG A 27 -13.83 -8.29 -5.95
N SER A 28 -14.38 -7.25 -6.57
N SER A 28 -14.41 -7.28 -6.60
CA SER A 28 -13.69 -5.96 -6.60
CA SER A 28 -13.83 -5.96 -6.64
C SER A 28 -13.51 -5.41 -5.19
C SER A 28 -13.53 -5.44 -5.25
N ALA A 29 -14.49 -5.59 -4.31
CA ALA A 29 -14.31 -5.07 -2.98
C ALA A 29 -13.15 -5.73 -2.27
N HIS A 30 -12.97 -7.06 -2.45
CA HIS A 30 -11.81 -7.71 -1.87
C HIS A 30 -10.51 -7.17 -2.46
N GLN A 31 -10.46 -6.92 -3.77
N GLN A 31 -10.48 -6.98 -3.78
CA GLN A 31 -9.24 -6.40 -4.38
CA GLN A 31 -9.34 -6.40 -4.47
C GLN A 31 -8.97 -4.97 -3.93
C GLN A 31 -9.01 -5.03 -3.91
N PHE A 32 -10.03 -4.18 -3.79
CA PHE A 32 -9.85 -2.82 -3.29
C PHE A 32 -9.40 -2.82 -1.83
N TYR A 33 -9.98 -3.71 -1.01
CA TYR A 33 -9.57 -3.85 0.38
C TYR A 33 -8.11 -4.24 0.48
N GLU A 34 -7.67 -5.19 -0.34
CA GLU A 34 -6.26 -5.56 -0.35
C GLU A 34 -5.38 -4.36 -0.65
N ARG A 35 -5.81 -3.49 -1.56
N ARG A 35 -5.79 -3.48 -1.58
CA ARG A 35 -5.05 -2.30 -1.86
CA ARG A 35 -4.97 -2.29 -1.81
C ARG A 35 -5.05 -1.35 -0.66
C ARG A 35 -5.03 -1.36 -0.61
N LEU A 36 -6.20 -1.20 -0.01
CA LEU A 36 -6.30 -0.29 1.12
C LEU A 36 -5.39 -0.72 2.29
N ILE A 37 -5.29 -2.03 2.55
CA ILE A 37 -4.48 -2.48 3.68
C ILE A 37 -3.01 -2.44 3.36
N GLY A 38 -2.62 -1.95 2.19
CA GLY A 38 -1.25 -1.61 1.92
C GLY A 38 -0.71 -0.56 2.88
N LEU A 39 -1.59 0.19 3.52
CA LEU A 39 -1.29 1.12 4.61
C LEU A 39 -0.44 0.45 5.71
N TRP A 40 -0.75 -0.82 5.97
CA TRP A 40 -0.22 -1.48 7.16
C TRP A 40 1.28 -1.76 7.03
N ALA A 41 1.78 -2.03 5.83
CA ALA A 41 3.17 -2.44 5.65
C ALA A 41 4.15 -1.34 6.02
N PRO A 42 4.08 -0.14 5.46
CA PRO A 42 4.99 0.91 5.93
C PRO A 42 4.81 1.18 7.40
N ALA A 43 3.59 1.12 7.91
CA ALA A 43 3.38 1.34 9.36
C ALA A 43 4.17 0.34 10.21
N VAL A 44 4.12 -0.93 9.83
CA VAL A 44 4.83 -1.97 10.56
C VAL A 44 6.32 -1.84 10.37
N MET A 45 6.78 -1.62 9.14
CA MET A 45 8.21 -1.53 8.88
C MET A 45 8.84 -0.31 9.52
N GLU A 46 8.15 0.83 9.45
CA GLU A 46 8.67 2.07 10.01
C GLU A 46 8.61 2.07 11.54
N ALA A 47 7.54 1.51 12.14
CA ALA A 47 7.56 1.30 13.58
C ALA A 47 8.72 0.42 14.02
N ALA A 48 8.96 -0.67 13.30
CA ALA A 48 10.06 -1.57 13.64
C ALA A 48 11.39 -0.83 13.58
N HIS A 49 11.58 0.03 12.56
CA HIS A 49 12.77 0.88 12.51
C HIS A 49 12.87 1.79 13.74
N GLU A 50 11.79 2.45 14.10
CA GLU A 50 11.81 3.37 15.23
C GLU A 50 12.18 2.64 16.50
N LEU A 51 11.74 1.40 16.67
CA LEU A 51 11.96 0.60 17.86
C LEU A 51 13.34 -0.05 17.89
N GLY A 52 14.08 -0.02 16.80
CA GLY A 52 15.41 -0.62 16.76
C GLY A 52 15.41 -2.09 16.40
N VAL A 53 14.34 -2.59 15.82
CA VAL A 53 14.21 -4.01 15.56
C VAL A 53 15.28 -4.53 14.62
N PHE A 54 15.54 -3.82 13.52
CA PHE A 54 16.42 -4.38 12.49
C PHE A 54 17.85 -4.41 12.97
N ALA A 55 18.30 -3.32 13.60
CA ALA A 55 19.65 -3.31 14.16
C ALA A 55 19.80 -4.40 15.21
N ALA A 56 18.77 -4.62 16.03
CA ALA A 56 18.89 -5.63 17.08
C ALA A 56 18.97 -7.02 16.48
N LEU A 57 18.12 -7.33 15.50
CA LEU A 57 18.17 -8.65 14.89
C LEU A 57 19.49 -8.89 14.18
N ALA A 58 20.07 -7.86 13.56
CA ALA A 58 21.36 -8.04 12.91
C ALA A 58 22.46 -8.34 13.92
N GLU A 59 22.38 -7.74 15.12
CA GLU A 59 23.37 -7.95 16.16
C GLU A 59 23.25 -9.34 16.75
N ALA A 60 22.04 -9.81 16.97
CA ALA A 60 21.82 -11.13 17.54
C ALA A 60 20.41 -11.59 17.20
N PRO A 61 20.28 -12.63 16.37
CA PRO A 61 18.96 -13.23 16.14
C PRO A 61 18.30 -13.59 17.46
N ALA A 62 16.99 -13.50 17.51
CA ALA A 62 16.29 -13.69 18.78
C ALA A 62 14.85 -14.06 18.50
N ASP A 63 14.25 -14.75 19.47
CA ASP A 63 12.80 -14.90 19.49
C ASP A 63 12.15 -13.58 19.90
N SER A 64 10.84 -13.54 19.75
N SER A 64 10.84 -13.52 19.77
CA SER A 64 10.11 -12.32 20.04
CA SER A 64 10.17 -12.26 20.03
C SER A 64 10.30 -11.87 21.48
C SER A 64 10.24 -11.85 21.50
N GLY A 65 10.26 -12.81 22.43
CA GLY A 65 10.38 -12.43 23.82
C GLY A 65 11.73 -11.83 24.14
N GLU A 66 12.79 -12.39 23.56
CA GLU A 66 14.13 -11.87 23.77
C GLU A 66 14.29 -10.50 23.11
N LEU A 67 13.74 -10.34 21.92
CA LEU A 67 13.85 -9.02 21.29
C LEU A 67 13.06 -8.00 22.11
N ALA A 68 11.88 -8.39 22.63
CA ALA A 68 11.11 -7.47 23.47
C ALA A 68 11.91 -7.05 24.69
N ARG A 69 12.61 -7.99 25.31
CA ARG A 69 13.45 -7.64 26.47
C ARG A 69 14.53 -6.65 26.08
N ARG A 70 15.21 -6.93 24.97
CA ARG A 70 16.32 -6.09 24.56
C ARG A 70 15.88 -4.70 24.11
N LEU A 71 14.67 -4.57 23.61
CA LEU A 71 14.18 -3.29 23.10
C LEU A 71 13.19 -2.63 24.04
N ASP A 72 13.00 -3.16 25.25
CA ASP A 72 12.09 -2.58 26.25
C ASP A 72 10.67 -2.44 25.72
N CYS A 73 10.16 -3.51 25.11
CA CYS A 73 8.82 -3.57 24.58
C CYS A 73 8.01 -4.71 25.22
N ASP A 74 6.70 -4.67 24.99
CA ASP A 74 5.80 -5.73 25.43
C ASP A 74 6.01 -6.99 24.58
N ALA A 75 6.05 -8.15 25.25
CA ALA A 75 6.36 -9.40 24.58
C ALA A 75 5.30 -9.77 23.54
N ARG A 76 4.02 -9.73 23.89
CA ARG A 76 2.99 -10.08 22.92
C ARG A 76 2.99 -9.12 21.73
N ALA A 77 3.06 -7.80 21.99
CA ALA A 77 3.03 -6.86 20.88
C ALA A 77 4.25 -7.03 19.99
N MET A 78 5.40 -7.37 20.56
CA MET A 78 6.58 -7.62 19.74
C MET A 78 6.40 -8.87 18.88
N ARG A 79 5.78 -9.93 19.43
CA ARG A 79 5.45 -11.10 18.63
C ARG A 79 4.58 -10.68 17.45
N VAL A 80 3.56 -9.88 17.70
CA VAL A 80 2.68 -9.41 16.64
C VAL A 80 3.46 -8.65 15.57
N LEU A 81 4.32 -7.73 15.98
CA LEU A 81 5.09 -6.93 15.02
C LEU A 81 6.03 -7.79 14.20
N LEU A 82 6.79 -8.69 14.86
CA LEU A 82 7.76 -9.52 14.16
C LEU A 82 7.06 -10.49 13.23
N ASP A 83 5.95 -11.08 13.66
CA ASP A 83 5.26 -11.99 12.77
C ASP A 83 4.69 -11.25 11.56
N ALA A 84 4.27 -10.01 11.73
CA ALA A 84 3.85 -9.23 10.59
C ALA A 84 5.02 -8.97 9.63
N LEU A 85 6.17 -8.59 10.15
CA LEU A 85 7.35 -8.45 9.30
C LEU A 85 7.67 -9.75 8.57
N TYR A 86 7.51 -10.88 9.25
CA TYR A 86 7.73 -12.18 8.62
C TYR A 86 6.70 -12.42 7.52
N ALA A 87 5.44 -12.05 7.75
CA ALA A 87 4.41 -12.17 6.71
C ALA A 87 4.72 -11.32 5.47
N TYR A 88 5.42 -10.21 5.65
CA TYR A 88 5.88 -9.35 4.55
C TYR A 88 7.21 -9.80 3.96
N ASP A 89 7.79 -10.90 4.44
N ASP A 89 7.77 -10.91 4.42
CA ASP A 89 9.05 -11.45 3.96
CA ASP A 89 9.04 -11.40 3.91
C ASP A 89 10.23 -10.52 4.24
C ASP A 89 10.15 -10.38 4.13
N VAL A 90 10.06 -9.59 5.20
CA VAL A 90 11.11 -8.63 5.54
C VAL A 90 12.18 -9.22 6.43
N ILE A 91 11.78 -10.08 7.37
CA ILE A 91 12.69 -10.81 8.24
C ILE A 91 12.46 -12.31 8.01
N ASP A 92 13.43 -13.10 8.45
CA ASP A 92 13.44 -14.55 8.29
C ASP A 92 13.42 -15.23 9.66
N ARG A 93 13.29 -16.58 9.63
CA ARG A 93 13.45 -17.49 10.76
C ARG A 93 14.60 -18.51 10.63
N ILE A 94 15.26 -18.82 11.76
CA ILE A 94 16.20 -19.94 11.88
C ILE A 94 15.69 -20.86 12.97
N HIS A 95 15.58 -22.14 12.64
CA HIS A 95 14.97 -23.12 13.53
C HIS A 95 16.02 -23.91 14.32
N ASP A 96 15.77 -23.98 15.61
CA ASP A 96 16.56 -24.64 16.62
C ASP A 96 15.78 -25.90 16.98
N THR A 97 16.36 -26.74 17.83
CA THR A 97 15.61 -27.92 18.24
C THR A 97 14.39 -27.52 19.08
N ASN A 98 14.45 -26.38 19.79
CA ASN A 98 13.40 -25.96 20.70
C ASN A 98 12.48 -24.88 20.13
N GLY A 99 12.66 -24.49 18.87
CA GLY A 99 11.84 -23.45 18.26
C GLY A 99 12.68 -22.65 17.28
N PHE A 100 12.35 -21.36 17.14
CA PHE A 100 13.03 -20.51 16.19
C PHE A 100 13.40 -19.14 16.77
N ARG A 101 14.28 -18.50 16.04
CA ARG A 101 14.63 -17.12 16.21
C ARG A 101 14.35 -16.40 14.90
N TYR A 102 14.12 -15.12 15.04
N TYR A 102 14.03 -15.11 15.03
CA TYR A 102 14.10 -14.24 13.89
CA TYR A 102 13.99 -14.18 13.90
C TYR A 102 15.49 -13.74 13.58
C TYR A 102 15.40 -13.67 13.60
N LEU A 103 15.71 -13.45 12.31
CA LEU A 103 17.00 -12.93 11.86
C LEU A 103 16.80 -12.18 10.56
N LEU A 104 17.84 -11.48 10.15
CA LEU A 104 17.84 -10.84 8.84
C LEU A 104 18.73 -11.62 7.89
N SER A 105 18.25 -11.84 6.68
CA SER A 105 19.11 -12.32 5.63
C SER A 105 20.18 -11.25 5.33
N ALA A 106 21.23 -11.67 4.64
CA ALA A 106 22.27 -10.73 4.25
C ALA A 106 21.70 -9.62 3.39
N GLU A 107 20.82 -9.96 2.44
CA GLU A 107 20.27 -8.95 1.54
C GLU A 107 19.37 -7.98 2.31
N ALA A 108 18.60 -8.49 3.26
CA ALA A 108 17.72 -7.63 4.03
C ALA A 108 18.52 -6.72 4.93
N ARG A 109 19.60 -7.22 5.52
CA ARG A 109 20.45 -6.41 6.37
C ARG A 109 20.92 -5.17 5.63
N GLU A 110 21.35 -5.36 4.38
N GLU A 110 21.38 -5.34 4.39
CA GLU A 110 21.84 -4.24 3.59
CA GLU A 110 21.85 -4.19 3.63
C GLU A 110 20.76 -3.20 3.34
C GLU A 110 20.75 -3.14 3.50
N CYS A 111 19.50 -3.59 3.37
CA CYS A 111 18.43 -2.65 3.12
C CYS A 111 17.91 -1.98 4.38
N LEU A 112 18.02 -2.64 5.52
CA LEU A 112 17.25 -2.26 6.69
C LEU A 112 18.08 -1.54 7.75
N LEU A 113 19.41 -1.59 7.67
CA LEU A 113 20.26 -1.00 8.67
C LEU A 113 20.72 0.36 8.22
N PRO A 114 20.97 1.26 9.15
CA PRO A 114 21.43 2.60 8.77
C PRO A 114 22.88 2.55 8.29
N GLY A 115 23.20 3.42 7.34
CA GLY A 115 24.59 3.65 6.96
C GLY A 115 25.14 2.71 5.90
N THR A 116 24.39 1.68 5.50
CA THR A 116 24.81 0.84 4.40
C THR A 116 24.57 1.58 3.09
N LEU A 117 25.19 1.11 2.02
CA LEU A 117 25.08 1.78 0.74
C LEU A 117 23.64 1.83 0.23
N PHE A 118 22.88 0.76 0.40
CA PHE A 118 21.53 0.69 -0.11
C PHE A 118 20.46 0.82 0.96
N SER A 119 20.83 1.32 2.13
CA SER A 119 19.89 1.46 3.22
C SER A 119 18.63 2.21 2.82
N LEU A 120 17.49 1.67 3.22
CA LEU A 120 16.20 2.33 3.10
C LEU A 120 15.87 3.20 4.30
N VAL A 121 16.76 3.30 5.29
CA VAL A 121 16.44 4.10 6.46
C VAL A 121 16.03 5.51 6.10
N GLY A 122 16.70 6.13 5.14
CA GLY A 122 16.34 7.48 4.77
C GLY A 122 14.96 7.58 4.17
N LYS A 123 14.50 6.54 3.50
CA LYS A 123 13.13 6.44 3.03
C LYS A 123 12.15 6.23 4.18
N PHE A 124 12.51 5.40 5.16
CA PHE A 124 11.67 5.28 6.35
C PHE A 124 11.49 6.65 6.99
N MET A 125 12.60 7.38 7.19
CA MET A 125 12.52 8.67 7.87
C MET A 125 11.81 9.73 7.05
N HIS A 126 11.97 9.70 5.73
CA HIS A 126 11.21 10.59 4.87
C HIS A 126 9.72 10.33 5.03
N ASP A 127 9.31 9.06 5.08
CA ASP A 127 7.90 8.76 5.28
C ASP A 127 7.44 9.29 6.63
N ILE A 128 8.16 8.98 7.70
CA ILE A 128 7.76 9.35 9.04
C ILE A 128 7.64 10.85 9.15
N ASN A 129 8.65 11.59 8.66
CA ASN A 129 8.74 13.02 8.90
C ASN A 129 7.95 13.84 7.91
N VAL A 130 7.79 13.38 6.66
CA VAL A 130 7.27 14.20 5.57
C VAL A 130 6.06 13.53 4.91
N ALA A 131 6.24 12.32 4.39
CA ALA A 131 5.24 11.79 3.47
C ALA A 131 3.97 11.34 4.17
N TRP A 132 4.07 10.63 5.35
N TRP A 132 4.09 10.70 5.30
CA TRP A 132 2.88 10.16 6.07
CA TRP A 132 2.89 10.17 5.94
C TRP A 132 1.94 11.35 6.26
C TRP A 132 1.93 11.30 6.35
N PRO A 133 2.38 12.38 6.98
CA PRO A 133 1.42 13.47 7.25
C PRO A 133 0.90 14.11 5.96
N ALA A 134 1.73 14.24 4.93
CA ALA A 134 1.26 14.82 3.69
C ALA A 134 0.18 13.96 3.05
N TRP A 135 0.39 12.64 2.99
CA TRP A 135 -0.57 11.79 2.31
C TRP A 135 -1.93 11.89 2.95
N ARG A 136 -2.06 12.15 4.24
N ARG A 136 -1.96 11.98 4.28
CA ARG A 136 -3.42 12.28 4.79
CA ARG A 136 -3.18 12.15 5.05
C ARG A 136 -4.09 13.60 4.45
C ARG A 136 -3.95 13.39 4.61
N ASN A 137 -3.32 14.62 4.07
N ASN A 137 -3.24 14.38 4.06
CA ASN A 137 -3.84 15.89 3.60
CA ASN A 137 -3.76 15.69 3.68
C ASN A 137 -4.02 15.93 2.09
C ASN A 137 -3.85 15.89 2.17
N LEU A 138 -3.87 14.79 1.42
CA LEU A 138 -3.89 14.83 -0.04
C LEU A 138 -5.11 15.55 -0.59
N ALA A 139 -6.28 15.38 0.04
CA ALA A 139 -7.49 16.00 -0.51
C ALA A 139 -7.34 17.51 -0.59
N GLU A 140 -6.80 18.12 0.46
N GLU A 140 -6.83 18.13 0.47
CA GLU A 140 -6.71 19.58 0.44
CA GLU A 140 -6.69 19.59 0.46
C GLU A 140 -5.70 20.07 -0.59
C GLU A 140 -5.73 20.03 -0.66
N VAL A 141 -4.66 19.27 -0.85
CA VAL A 141 -3.71 19.64 -1.88
C VAL A 141 -4.29 19.47 -3.29
N VAL A 142 -5.15 18.49 -3.51
CA VAL A 142 -5.82 18.36 -4.80
C VAL A 142 -6.80 19.52 -5.01
N ARG A 143 -7.48 19.93 -3.95
CA ARG A 143 -8.41 21.04 -4.07
C ARG A 143 -7.68 22.30 -4.56
N HIS A 144 -6.53 22.59 -3.99
CA HIS A 144 -5.83 23.84 -4.25
C HIS A 144 -4.80 23.80 -5.37
N GLY A 145 -4.21 22.65 -5.65
CA GLY A 145 -3.20 22.53 -6.69
C GLY A 145 -1.86 22.99 -6.21
N ALA A 146 -0.90 22.88 -7.11
CA ALA A 146 0.45 23.42 -6.91
C ALA A 146 0.63 24.86 -7.43
N ARG A 147 -0.43 25.53 -7.88
CA ARG A 147 -0.32 26.88 -8.44
C ARG A 147 -0.04 27.88 -7.32
N ASP A 148 0.98 28.74 -7.52
CA ASP A 148 1.31 29.80 -6.55
C ASP A 148 0.18 30.83 -6.45
N THR A 149 0.39 31.89 -5.67
CA THR A 149 -0.63 32.93 -5.51
C THR A 149 -0.92 33.62 -6.85
N SER A 150 0.09 33.74 -7.73
CA SER A 150 -0.05 34.31 -9.07
C SER A 150 -0.61 33.30 -10.10
N GLY A 151 -0.87 32.07 -9.68
CA GLY A 151 -1.45 31.06 -10.55
C GLY A 151 -0.45 30.14 -11.22
N ALA A 152 0.84 30.43 -11.14
CA ALA A 152 1.83 29.61 -11.82
C ALA A 152 2.18 28.38 -11.00
N GLU A 153 2.40 27.26 -11.70
N GLU A 153 2.40 27.28 -11.71
CA GLU A 153 2.72 26.02 -11.00
CA GLU A 153 2.79 26.03 -11.09
C GLU A 153 4.07 26.14 -10.27
C GLU A 153 4.08 26.19 -10.27
N SER A 154 4.19 25.39 -9.18
CA SER A 154 5.41 25.35 -8.38
C SER A 154 6.14 24.05 -8.62
N PRO A 155 7.46 24.06 -8.54
CA PRO A 155 8.21 22.80 -8.52
C PRO A 155 7.91 22.05 -7.23
N ASN A 156 8.36 20.81 -7.19
CA ASN A 156 8.16 19.97 -6.03
C ASN A 156 8.72 20.63 -4.78
N GLY A 157 8.07 20.36 -3.64
CA GLY A 157 8.42 21.01 -2.40
C GLY A 157 9.29 20.25 -1.42
N ILE A 158 9.72 19.02 -1.72
CA ILE A 158 10.67 18.35 -0.84
C ILE A 158 11.90 19.23 -0.74
N ALA A 159 12.34 19.49 0.48
CA ALA A 159 13.36 20.48 0.76
C ALA A 159 14.72 19.86 1.03
N GLN A 160 15.77 20.70 1.04
CA GLN A 160 17.11 20.18 1.25
C GLN A 160 17.23 19.38 2.56
N GLU A 161 16.62 19.87 3.65
CA GLU A 161 16.68 19.14 4.92
C GLU A 161 16.03 17.76 4.82
N ASP A 162 14.98 17.64 3.99
CA ASP A 162 14.33 16.37 3.74
C ASP A 162 15.23 15.48 2.90
N TYR A 163 15.89 16.06 1.89
CA TYR A 163 16.80 15.28 1.05
C TYR A 163 18.01 14.74 1.81
N GLU A 164 18.40 15.38 2.90
CA GLU A 164 19.47 14.83 3.70
C GLU A 164 19.21 13.40 4.13
N SER A 165 17.95 13.01 4.37
CA SER A 165 17.58 11.61 4.60
C SER A 165 17.23 10.90 3.30
N LEU A 166 16.43 11.51 2.44
CA LEU A 166 15.87 10.75 1.34
C LEU A 166 16.92 10.32 0.32
N VAL A 167 17.97 11.12 0.06
CA VAL A 167 18.89 10.77 -1.02
C VAL A 167 19.56 9.42 -0.80
N GLY A 168 19.99 9.11 0.43
CA GLY A 168 20.57 7.80 0.69
C GLY A 168 19.56 6.69 0.62
N GLY A 169 18.31 7.00 0.90
CA GLY A 169 17.24 6.04 0.86
C GLY A 169 16.77 5.68 -0.52
N ILE A 170 17.28 6.32 -1.57
CA ILE A 170 16.97 5.96 -2.94
C ILE A 170 18.19 5.49 -3.69
N ASN A 171 19.31 5.27 -3.02
CA ASN A 171 20.49 4.70 -3.65
C ASN A 171 20.19 3.36 -4.33
N PHE A 172 19.25 2.59 -3.78
CA PHE A 172 18.97 1.26 -4.31
C PHE A 172 18.52 1.28 -5.78
N TRP A 173 17.93 2.38 -6.25
CA TRP A 173 17.54 2.46 -7.66
C TRP A 173 18.75 2.41 -8.58
N ALA A 174 19.90 2.91 -8.15
CA ALA A 174 20.96 3.24 -9.09
C ALA A 174 21.59 2.04 -9.81
N PRO A 175 21.93 0.93 -9.15
CA PRO A 175 22.75 -0.05 -9.86
C PRO A 175 22.12 -0.60 -11.13
N PRO A 176 20.85 -0.99 -11.16
CA PRO A 176 20.27 -1.49 -12.41
C PRO A 176 20.27 -0.44 -13.50
N ILE A 177 20.03 0.80 -13.12
CA ILE A 177 20.00 1.91 -14.06
C ILE A 177 21.39 2.12 -14.66
N VAL A 178 22.41 2.17 -13.81
CA VAL A 178 23.77 2.40 -14.32
C VAL A 178 24.22 1.23 -15.18
N THR A 179 23.89 0.01 -14.79
CA THR A 179 24.25 -1.13 -15.63
C THR A 179 23.64 -1.01 -17.02
N THR A 180 22.36 -0.65 -17.09
CA THR A 180 21.66 -0.50 -18.36
C THR A 180 22.24 0.66 -19.17
N LEU A 181 22.48 1.79 -18.51
CA LEU A 181 23.07 2.93 -19.20
C LEU A 181 24.45 2.59 -19.72
N SER A 182 25.28 1.97 -18.89
CA SER A 182 26.65 1.71 -19.30
C SER A 182 26.70 0.73 -20.46
N ARG A 183 25.81 -0.26 -20.47
CA ARG A 183 25.77 -1.20 -21.58
C ARG A 183 25.45 -0.47 -22.88
N LYS A 184 24.53 0.48 -22.83
CA LYS A 184 24.21 1.24 -24.04
C LYS A 184 25.36 2.15 -24.43
N LEU A 185 25.98 2.82 -23.47
CA LEU A 185 27.12 3.65 -23.80
C LEU A 185 28.23 2.84 -24.49
N ARG A 186 28.58 1.68 -23.94
CA ARG A 186 29.62 0.87 -24.57
C ARG A 186 29.18 0.40 -25.95
N ALA A 187 27.91 -0.01 -26.10
CA ALA A 187 27.47 -0.50 -27.40
C ALA A 187 27.52 0.60 -28.44
N SER A 188 27.38 1.86 -28.01
N SER A 188 27.39 1.85 -28.02
CA SER A 188 27.42 3.03 -28.87
CA SER A 188 27.42 3.01 -28.91
C SER A 188 28.83 3.50 -29.20
C SER A 188 28.81 3.64 -29.01
N GLY A 189 29.86 2.91 -28.59
CA GLY A 189 31.23 3.32 -28.83
C GLY A 189 32.02 4.00 -27.73
N ARG A 190 31.44 4.21 -26.56
N ARG A 190 31.48 4.15 -26.54
CA ARG A 190 32.15 4.84 -25.45
CA ARG A 190 32.18 4.86 -25.47
C ARG A 190 33.04 3.81 -24.75
C ARG A 190 32.93 3.89 -24.56
N SER A 191 34.13 4.29 -24.17
CA SER A 191 35.06 3.39 -23.49
C SER A 191 35.72 4.10 -22.33
N GLY A 192 36.11 3.30 -21.32
CA GLY A 192 36.65 3.82 -20.10
C GLY A 192 38.14 4.04 -20.09
N ASP A 193 38.84 3.68 -21.17
N ASP A 193 38.85 3.67 -21.14
CA ASP A 193 40.27 3.93 -21.29
CA ASP A 193 40.29 3.94 -21.25
C ASP A 193 40.58 5.20 -22.08
C ASP A 193 40.59 5.21 -22.07
N ALA A 194 39.57 6.05 -22.32
CA ALA A 194 39.74 7.39 -22.90
C ALA A 194 39.09 8.40 -21.95
N THR A 195 39.59 9.63 -21.95
N THR A 195 39.59 9.63 -21.92
CA THR A 195 39.05 10.64 -21.03
CA THR A 195 39.04 10.61 -20.98
C THR A 195 37.63 11.01 -21.45
C THR A 195 37.65 11.04 -21.42
N ALA A 196 36.76 11.17 -20.46
CA ALA A 196 35.45 11.74 -20.70
C ALA A 196 34.99 12.37 -19.41
N SER A 197 34.05 13.29 -19.54
CA SER A 197 33.55 14.04 -18.38
C SER A 197 32.04 13.89 -18.29
N VAL A 198 31.57 13.63 -17.08
CA VAL A 198 30.16 13.46 -16.77
C VAL A 198 29.73 14.60 -15.86
N LEU A 199 28.55 15.16 -16.12
CA LEU A 199 27.90 16.11 -15.22
C LEU A 199 26.67 15.42 -14.66
N ASP A 200 26.55 15.36 -13.34
CA ASP A 200 25.44 14.69 -12.65
C ASP A 200 24.66 15.80 -11.95
N VAL A 201 23.54 16.18 -12.54
CA VAL A 201 22.80 17.38 -12.12
C VAL A 201 21.82 16.97 -10.99
N GLY A 202 21.96 17.57 -9.82
CA GLY A 202 21.21 17.12 -8.66
C GLY A 202 21.61 15.71 -8.27
N CYS A 203 22.91 15.55 -8.02
CA CYS A 203 23.50 14.24 -7.90
C CYS A 203 23.07 13.46 -6.67
N GLY A 204 22.52 14.09 -5.66
CA GLY A 204 22.19 13.35 -4.44
C GLY A 204 23.45 12.81 -3.81
N THR A 205 23.45 11.53 -3.46
CA THR A 205 24.65 10.92 -2.90
C THR A 205 25.75 10.77 -3.95
N GLY A 206 25.46 10.96 -5.24
CA GLY A 206 26.43 10.79 -6.28
C GLY A 206 26.59 9.37 -6.76
N LEU A 207 25.75 8.44 -6.31
CA LEU A 207 25.96 7.04 -6.64
C LEU A 207 25.95 6.76 -8.14
N TYR A 208 25.10 7.45 -8.90
CA TYR A 208 25.02 7.17 -10.33
C TYR A 208 26.35 7.48 -11.00
N SER A 209 26.87 8.67 -10.74
CA SER A 209 28.13 9.02 -11.37
C SER A 209 29.29 8.24 -10.76
N GLN A 210 29.23 7.89 -9.46
CA GLN A 210 30.29 7.09 -8.87
C GLN A 210 30.34 5.68 -9.44
N LEU A 211 29.17 5.07 -9.68
CA LEU A 211 29.16 3.78 -10.33
C LEU A 211 29.65 3.89 -11.77
N LEU A 212 29.31 4.98 -12.47
CA LEU A 212 29.88 5.19 -13.80
C LEU A 212 31.41 5.30 -13.72
N LEU A 213 31.93 6.01 -12.71
CA LEU A 213 33.38 6.14 -12.57
C LEU A 213 34.05 4.78 -12.31
N ARG A 214 33.39 3.88 -11.59
N ARG A 214 33.38 3.86 -11.62
CA ARG A 214 33.96 2.54 -11.42
CA ARG A 214 33.93 2.53 -11.40
C ARG A 214 33.93 1.78 -12.74
C ARG A 214 33.87 1.70 -12.68
N GLU A 215 32.87 1.95 -13.52
CA GLU A 215 32.73 1.25 -14.79
C GLU A 215 33.73 1.77 -15.84
N PHE A 216 34.05 3.04 -15.78
CA PHE A 216 34.84 3.72 -16.82
C PHE A 216 36.00 4.39 -16.11
N PRO A 217 37.14 3.69 -15.95
CA PRO A 217 38.17 4.16 -15.01
C PRO A 217 38.90 5.43 -15.39
N ARG A 218 38.83 5.93 -16.63
CA ARG A 218 39.48 7.21 -16.92
C ARG A 218 38.52 8.38 -16.90
N TRP A 219 37.22 8.15 -16.71
CA TRP A 219 36.28 9.24 -16.72
C TRP A 219 36.35 10.05 -15.44
N THR A 220 35.86 11.28 -15.51
CA THR A 220 35.67 12.12 -14.34
C THR A 220 34.21 12.53 -14.27
N ALA A 221 33.77 12.96 -13.09
CA ALA A 221 32.41 13.39 -12.92
C ALA A 221 32.34 14.57 -11.98
N THR A 222 31.41 15.46 -12.29
CA THR A 222 31.11 16.63 -11.48
C THR A 222 29.65 16.52 -11.06
N GLY A 223 29.40 16.51 -9.77
CA GLY A 223 28.05 16.53 -9.26
C GLY A 223 27.61 17.91 -8.83
N LEU A 224 26.40 18.30 -9.25
CA LEU A 224 25.77 19.54 -8.84
C LEU A 224 24.73 19.26 -7.78
N ASP A 225 24.79 19.93 -6.64
CA ASP A 225 23.71 19.79 -5.66
C ASP A 225 23.90 20.95 -4.69
N VAL A 226 23.02 21.03 -3.70
CA VAL A 226 23.20 22.00 -2.62
C VAL A 226 24.29 21.51 -1.66
N GLU A 227 24.86 22.43 -0.87
CA GLU A 227 26.06 22.12 -0.13
C GLU A 227 25.88 20.96 0.85
N ARG A 228 24.74 20.89 1.54
CA ARG A 228 24.63 19.81 2.52
C ARG A 228 24.50 18.43 1.88
N ILE A 229 24.04 18.35 0.64
CA ILE A 229 23.98 17.08 -0.08
C ILE A 229 25.32 16.78 -0.75
N ALA A 230 25.98 17.81 -1.29
CA ALA A 230 27.33 17.62 -1.83
C ALA A 230 28.26 17.00 -0.80
N THR A 231 28.11 17.39 0.47
CA THR A 231 28.90 16.79 1.52
C THR A 231 28.71 15.28 1.58
N LEU A 232 27.45 14.82 1.48
CA LEU A 232 27.19 13.39 1.45
C LEU A 232 27.86 12.74 0.25
N ALA A 233 27.79 13.41 -0.92
CA ALA A 233 28.27 12.80 -2.15
C ALA A 233 29.78 12.63 -2.11
N ASN A 234 30.49 13.61 -1.55
CA ASN A 234 31.94 13.48 -1.45
C ASN A 234 32.34 12.36 -0.50
N ALA A 235 31.61 12.19 0.58
CA ALA A 235 31.91 11.10 1.50
C ALA A 235 31.70 9.75 0.82
N GLN A 236 30.63 9.62 0.04
CA GLN A 236 30.35 8.36 -0.63
C GLN A 236 31.36 8.09 -1.73
N ALA A 237 31.86 9.13 -2.41
CA ALA A 237 32.89 8.90 -3.42
C ALA A 237 34.14 8.28 -2.80
N LEU A 238 34.50 8.72 -1.61
CA LEU A 238 35.63 8.13 -0.89
C LEU A 238 35.32 6.69 -0.49
N ARG A 239 34.10 6.43 -0.03
CA ARG A 239 33.70 5.08 0.31
C ARG A 239 33.86 4.14 -0.88
N LEU A 240 33.56 4.62 -2.08
CA LEU A 240 33.58 3.81 -3.29
C LEU A 240 34.90 3.86 -4.04
N GLY A 241 35.87 4.61 -3.54
CA GLY A 241 37.20 4.57 -4.12
C GLY A 241 37.38 5.40 -5.36
N VAL A 242 36.49 6.37 -5.62
CA VAL A 242 36.52 7.15 -6.86
C VAL A 242 36.69 8.64 -6.57
N GLU A 243 37.12 8.98 -5.35
CA GLU A 243 37.24 10.38 -4.97
C GLU A 243 38.21 11.17 -5.85
N GLU A 244 39.23 10.54 -6.42
CA GLU A 244 40.15 11.30 -7.26
C GLU A 244 39.53 11.79 -8.56
N ARG A 245 38.41 11.21 -8.97
CA ARG A 245 37.76 11.52 -10.23
C ARG A 245 36.35 12.07 -10.06
N PHE A 246 35.93 12.34 -8.83
CA PHE A 246 34.61 12.88 -8.51
C PHE A 246 34.76 14.18 -7.76
N ALA A 247 34.06 15.21 -8.23
CA ALA A 247 34.03 16.49 -7.56
C ALA A 247 32.61 17.00 -7.52
N THR A 248 32.35 17.91 -6.61
CA THR A 248 31.04 18.55 -6.50
C THR A 248 31.17 20.06 -6.69
N ARG A 249 30.09 20.66 -7.16
CA ARG A 249 29.96 22.13 -7.23
C ARG A 249 28.63 22.47 -6.59
N ALA A 250 28.68 23.16 -5.46
CA ALA A 250 27.48 23.43 -4.70
C ALA A 250 26.77 24.65 -5.25
N GLY A 251 25.46 24.60 -5.19
CA GLY A 251 24.64 25.73 -5.58
C GLY A 251 23.37 25.35 -6.31
N ASP A 252 22.53 26.33 -6.59
CA ASP A 252 21.25 26.17 -7.27
C ASP A 252 21.49 25.89 -8.75
N PHE A 253 21.18 24.66 -9.17
CA PHE A 253 21.45 24.28 -10.54
C PHE A 253 20.56 24.96 -11.56
N TRP A 254 19.48 25.60 -11.16
CA TRP A 254 18.66 26.35 -12.10
C TRP A 254 19.41 27.57 -12.66
N ARG A 255 20.52 27.98 -12.04
CA ARG A 255 21.30 29.10 -12.54
CA ARG A 255 21.29 29.11 -12.55
C ARG A 255 22.00 28.75 -13.85
N GLY A 256 22.27 27.48 -14.11
CA GLY A 256 22.98 27.15 -15.32
C GLY A 256 24.44 27.56 -15.25
N GLY A 257 25.02 27.78 -16.43
CA GLY A 257 26.44 28.04 -16.54
C GLY A 257 27.27 26.87 -16.07
N TRP A 258 26.91 25.67 -16.50
CA TRP A 258 27.49 24.47 -15.95
C TRP A 258 28.85 24.11 -16.53
N GLY A 259 29.31 24.79 -17.58
CA GLY A 259 30.63 24.56 -18.14
C GLY A 259 30.53 24.18 -19.59
N THR A 260 31.54 23.44 -20.06
N THR A 260 31.54 23.42 -20.05
CA THR A 260 31.66 23.12 -21.47
CA THR A 260 31.66 23.07 -21.44
C THR A 260 32.32 21.75 -21.61
C THR A 260 32.19 21.66 -21.53
N GLY A 261 32.03 21.10 -22.72
CA GLY A 261 32.69 19.89 -23.09
C GLY A 261 32.22 18.61 -22.43
N TYR A 262 31.06 18.57 -21.77
CA TYR A 262 30.67 17.36 -21.09
C TYR A 262 30.26 16.32 -22.12
N ASP A 263 30.75 15.11 -21.91
CA ASP A 263 30.39 13.98 -22.74
C ASP A 263 29.05 13.38 -22.38
N LEU A 264 28.65 13.50 -21.13
CA LEU A 264 27.39 12.94 -20.64
C LEU A 264 26.86 13.88 -19.59
N VAL A 265 25.60 14.28 -19.73
CA VAL A 265 24.90 15.05 -18.71
C VAL A 265 23.77 14.17 -18.22
N LEU A 266 23.78 13.84 -16.93
CA LEU A 266 22.82 12.93 -16.33
C LEU A 266 21.85 13.68 -15.46
N PHE A 267 20.56 13.39 -15.67
CA PHE A 267 19.47 13.88 -14.82
C PHE A 267 18.74 12.63 -14.31
N ALA A 268 19.05 12.16 -13.12
CA ALA A 268 18.35 11.04 -12.51
C ALA A 268 17.42 11.55 -11.43
N ASN A 269 16.13 11.31 -11.60
CA ASN A 269 15.17 11.70 -10.59
C ASN A 269 15.12 13.21 -10.36
N ILE A 270 15.26 13.97 -11.45
CA ILE A 270 15.27 15.43 -11.41
C ILE A 270 14.06 16.01 -12.13
N PHE A 271 13.78 15.57 -13.35
CA PHE A 271 12.69 16.15 -14.13
C PHE A 271 11.34 16.02 -13.45
N HIS A 272 11.07 14.93 -12.71
CA HIS A 272 9.77 14.83 -12.07
C HIS A 272 9.53 15.93 -11.03
N LEU A 273 10.59 16.60 -10.55
CA LEU A 273 10.46 17.67 -9.58
C LEU A 273 10.07 19.01 -10.24
N GLN A 274 10.16 19.09 -11.55
CA GLN A 274 10.14 20.35 -12.29
C GLN A 274 8.74 20.75 -12.69
N THR A 275 8.59 22.02 -13.03
CA THR A 275 7.46 22.48 -13.83
C THR A 275 7.88 22.42 -15.28
N PRO A 276 6.95 22.61 -16.22
CA PRO A 276 7.38 22.64 -17.61
C PRO A 276 8.39 23.74 -17.88
N ALA A 277 8.20 24.90 -17.26
CA ALA A 277 9.14 26.01 -17.49
C ALA A 277 10.53 25.69 -16.93
N SER A 278 10.61 25.15 -15.71
CA SER A 278 11.92 24.84 -15.15
C SER A 278 12.57 23.69 -15.87
N ALA A 279 11.76 22.74 -16.35
CA ALA A 279 12.29 21.61 -17.10
C ALA A 279 12.98 22.05 -18.39
N VAL A 280 12.31 22.89 -19.18
CA VAL A 280 12.93 23.32 -20.43
C VAL A 280 14.19 24.12 -20.17
N ARG A 281 14.20 24.92 -19.10
CA ARG A 281 15.41 25.68 -18.77
C ARG A 281 16.56 24.74 -18.45
N LEU A 282 16.31 23.69 -17.65
CA LEU A 282 17.35 22.71 -17.36
C LEU A 282 17.82 22.01 -18.62
N MET A 283 16.90 21.67 -19.51
CA MET A 283 17.32 20.99 -20.74
C MET A 283 18.22 21.91 -21.58
N ARG A 284 17.90 23.21 -21.60
CA ARG A 284 18.74 24.18 -22.30
C ARG A 284 20.11 24.32 -21.65
N HIS A 285 20.17 24.33 -20.30
CA HIS A 285 21.47 24.35 -19.65
C HIS A 285 22.28 23.12 -20.03
N ALA A 286 21.63 21.96 -20.13
CA ALA A 286 22.34 20.75 -20.49
C ALA A 286 22.91 20.87 -21.90
N ALA A 287 22.10 21.30 -22.84
CA ALA A 287 22.60 21.43 -24.21
C ALA A 287 23.76 22.43 -24.29
N ALA A 288 23.72 23.49 -23.49
CA ALA A 288 24.75 24.52 -23.57
C ALA A 288 26.10 24.00 -23.09
N CYS A 289 26.14 23.00 -22.21
CA CYS A 289 27.41 22.50 -21.70
C CYS A 289 27.92 21.24 -22.38
N LEU A 290 27.22 20.75 -23.39
N LEU A 290 27.18 20.72 -23.36
CA LEU A 290 27.50 19.45 -23.99
CA LEU A 290 27.57 19.49 -24.01
C LEU A 290 28.56 19.57 -25.08
C LEU A 290 28.77 19.70 -24.91
N ALA A 291 29.52 18.64 -25.08
CA ALA A 291 30.39 18.46 -26.22
C ALA A 291 29.61 18.20 -27.50
N PRO A 292 30.22 18.42 -28.68
CA PRO A 292 29.48 18.21 -29.95
C PRO A 292 28.84 16.83 -30.06
N ASP A 293 29.55 15.82 -29.56
CA ASP A 293 29.07 14.46 -29.60
C ASP A 293 28.58 13.99 -28.25
N GLY A 294 28.28 14.91 -27.32
CA GLY A 294 27.83 14.52 -26.00
C GLY A 294 26.38 14.05 -25.99
N LEU A 295 26.02 13.36 -24.92
CA LEU A 295 24.68 12.87 -24.71
C LEU A 295 24.10 13.40 -23.42
N VAL A 296 22.79 13.62 -23.46
CA VAL A 296 22.00 13.85 -22.26
C VAL A 296 21.25 12.57 -21.93
N ALA A 297 21.32 12.15 -20.67
CA ALA A 297 20.60 10.97 -20.17
C ALA A 297 19.61 11.45 -19.14
N VAL A 298 18.35 11.19 -19.40
CA VAL A 298 17.26 11.47 -18.47
C VAL A 298 16.82 10.12 -17.91
N VAL A 299 16.83 9.99 -16.59
CA VAL A 299 16.33 8.79 -15.91
C VAL A 299 15.18 9.23 -15.04
N ASP A 300 13.97 8.77 -15.34
CA ASP A 300 12.81 9.29 -14.65
C ASP A 300 11.65 8.33 -14.81
N GLN A 301 10.55 8.71 -14.17
N GLN A 301 10.53 8.72 -14.26
CA GLN A 301 9.25 8.07 -14.27
CA GLN A 301 9.31 7.93 -14.27
C GLN A 301 8.59 8.62 -15.50
C GLN A 301 8.50 8.49 -15.42
N ILE A 302 8.66 7.86 -16.59
CA ILE A 302 8.23 8.40 -17.88
C ILE A 302 7.22 7.46 -18.47
N VAL A 303 6.17 8.02 -19.06
CA VAL A 303 5.07 7.25 -19.63
C VAL A 303 4.70 7.89 -20.96
N ASP A 304 4.10 7.12 -21.86
CA ASP A 304 3.55 7.69 -23.06
C ASP A 304 2.42 8.67 -22.71
N ALA A 305 2.14 9.59 -23.63
CA ALA A 305 1.01 10.48 -23.49
C ALA A 305 -0.31 9.75 -23.34
N ASP A 306 -0.43 8.51 -23.79
N ASP A 306 -0.43 8.50 -23.79
CA ASP A 306 -1.67 7.78 -23.55
CA ASP A 306 -1.65 7.76 -23.55
C ASP A 306 -1.89 7.50 -22.07
C ASP A 306 -1.86 7.50 -22.06
N ARG A 307 -0.84 7.60 -21.24
N ARG A 307 -0.79 7.55 -21.26
CA ARG A 307 -0.95 7.45 -19.80
CA ARG A 307 -0.87 7.42 -19.81
C ARG A 307 -1.70 6.17 -19.43
C ARG A 307 -1.65 6.18 -19.41
N GLU A 308 -1.38 5.10 -20.11
CA GLU A 308 -1.98 3.81 -19.84
C GLU A 308 -1.06 2.98 -18.94
N PRO A 309 -1.62 2.31 -17.92
CA PRO A 309 -0.82 1.53 -16.97
C PRO A 309 -0.48 0.13 -17.50
N LYS A 310 0.13 0.08 -18.68
N LYS A 310 0.21 0.07 -18.64
CA LYS A 310 0.38 -1.20 -19.34
CA LYS A 310 0.37 -1.21 -19.33
C LYS A 310 1.45 -2.00 -18.63
C LYS A 310 1.58 -2.02 -18.88
N THR A 311 2.59 -1.39 -18.34
CA THR A 311 3.74 -2.09 -17.77
C THR A 311 3.94 -1.64 -16.32
N PRO A 312 4.80 -2.34 -15.57
CA PRO A 312 5.08 -1.85 -14.21
C PRO A 312 5.59 -0.43 -14.19
N GLN A 313 6.45 -0.09 -15.14
CA GLN A 313 7.04 1.25 -15.15
C GLN A 313 5.99 2.30 -15.43
N ASP A 314 5.03 2.00 -16.31
CA ASP A 314 3.91 2.91 -16.57
C ASP A 314 3.06 3.10 -15.31
N ARG A 315 2.73 1.99 -14.65
N ARG A 315 2.67 1.99 -14.67
CA ARG A 315 1.90 2.05 -13.47
CA ARG A 315 1.89 2.09 -13.43
C ARG A 315 2.59 2.82 -12.36
C ARG A 315 2.64 2.92 -12.40
N PHE A 316 3.89 2.59 -12.15
CA PHE A 316 4.63 3.32 -11.14
C PHE A 316 4.69 4.80 -11.50
N ALA A 317 4.90 5.14 -12.78
CA ALA A 317 4.94 6.55 -13.14
C ALA A 317 3.64 7.27 -12.81
N LEU A 318 2.51 6.66 -13.14
CA LEU A 318 1.22 7.31 -12.85
C LEU A 318 1.05 7.52 -11.35
N LEU A 319 1.49 6.57 -10.54
CA LEU A 319 1.44 6.73 -9.08
C LEU A 319 2.45 7.77 -8.61
N PHE A 320 3.62 7.78 -9.21
CA PHE A 320 4.65 8.72 -8.81
C PHE A 320 4.19 10.15 -9.03
N ALA A 321 3.41 10.41 -10.07
CA ALA A 321 2.84 11.74 -10.26
C ALA A 321 2.05 12.15 -9.04
N ALA A 322 1.30 11.23 -8.44
CA ALA A 322 0.57 11.54 -7.22
C ALA A 322 1.51 11.81 -6.05
N SER A 323 2.63 11.10 -5.96
CA SER A 323 3.62 11.37 -4.92
C SER A 323 4.22 12.76 -5.07
N MET A 324 4.39 13.24 -6.30
CA MET A 324 4.87 14.61 -6.53
C MET A 324 3.81 15.62 -6.10
N THR A 325 2.56 15.42 -6.52
CA THR A 325 1.50 16.32 -6.07
C THR A 325 1.39 16.33 -4.56
N ASN A 326 1.53 15.16 -3.92
CA ASN A 326 1.46 15.06 -2.47
C ASN A 326 2.43 15.99 -1.79
N THR A 327 3.63 16.14 -2.36
CA THR A 327 4.70 16.93 -1.79
C THR A 327 4.93 18.26 -2.53
N GLY A 328 3.91 18.78 -3.21
CA GLY A 328 3.86 20.18 -3.56
C GLY A 328 4.13 20.56 -4.99
N GLY A 329 4.40 19.62 -5.89
CA GLY A 329 4.61 19.98 -7.27
C GLY A 329 5.42 18.94 -8.01
N GLY A 330 5.50 19.12 -9.33
CA GLY A 330 6.13 18.15 -10.19
C GLY A 330 5.13 17.21 -10.82
N ASP A 331 5.60 16.18 -11.55
CA ASP A 331 4.71 15.34 -12.34
C ASP A 331 5.50 14.12 -12.76
N ALA A 332 4.82 13.15 -13.34
CA ALA A 332 5.45 12.12 -14.15
C ALA A 332 5.17 12.52 -15.58
N TYR A 333 6.18 13.05 -16.23
CA TYR A 333 6.07 13.62 -17.55
C TYR A 333 6.10 12.54 -18.61
N THR A 334 5.57 12.89 -19.78
CA THR A 334 5.41 11.96 -20.88
C THR A 334 6.59 12.00 -21.84
N PHE A 335 6.75 10.92 -22.63
CA PHE A 335 7.76 10.91 -23.68
C PHE A 335 7.62 12.13 -24.57
N GLN A 336 6.38 12.49 -24.89
CA GLN A 336 6.10 13.59 -25.79
C GLN A 336 6.50 14.94 -25.20
N GLU A 337 6.38 15.11 -23.89
CA GLU A 337 6.84 16.31 -23.22
C GLU A 337 8.36 16.37 -23.21
N TYR A 338 9.03 15.26 -22.92
CA TYR A 338 10.49 15.27 -23.02
C TYR A 338 10.94 15.63 -24.43
N GLU A 339 10.26 15.11 -25.45
N GLU A 339 10.29 15.05 -25.45
CA GLU A 339 10.61 15.41 -26.82
CA GLU A 339 10.60 15.38 -26.85
C GLU A 339 10.41 16.89 -27.12
C GLU A 339 10.58 16.88 -27.05
N GLU A 340 9.35 17.52 -26.56
N GLU A 340 9.49 17.52 -26.59
CA GLU A 340 9.22 18.98 -26.66
CA GLU A 340 9.30 18.95 -26.76
C GLU A 340 10.49 19.64 -26.15
C GLU A 340 10.42 19.72 -26.09
N TRP A 341 10.89 19.25 -24.95
CA TRP A 341 12.00 19.93 -24.27
C TRP A 341 13.30 19.68 -25.00
N PHE A 342 13.53 18.47 -25.49
CA PHE A 342 14.70 18.21 -26.31
C PHE A 342 14.73 19.14 -27.52
N THR A 343 13.60 19.24 -28.24
CA THR A 343 13.55 20.12 -29.41
C THR A 343 13.82 21.56 -29.03
N ALA A 344 13.25 22.04 -27.91
CA ALA A 344 13.46 23.41 -27.48
C ALA A 344 14.93 23.68 -27.15
N ALA A 345 15.70 22.65 -26.83
CA ALA A 345 17.10 22.75 -26.44
C ALA A 345 18.05 22.37 -27.57
N GLY A 346 17.54 22.07 -28.75
CA GLY A 346 18.39 21.68 -29.87
C GLY A 346 18.93 20.27 -29.77
N LEU A 347 18.19 19.39 -29.09
CA LEU A 347 18.57 18.01 -28.89
C LEU A 347 17.53 17.12 -29.58
N GLN A 348 17.87 15.84 -29.70
CA GLN A 348 17.05 14.82 -30.34
C GLN A 348 17.18 13.53 -29.55
N ARG A 349 16.04 12.93 -29.21
CA ARG A 349 16.05 11.63 -28.55
C ARG A 349 16.54 10.58 -29.54
N ILE A 350 17.43 9.70 -29.07
CA ILE A 350 17.92 8.59 -29.87
C ILE A 350 17.67 7.23 -29.26
N GLU A 351 17.44 7.12 -27.95
N GLU A 351 17.33 7.13 -27.99
CA GLU A 351 17.22 5.84 -27.28
CA GLU A 351 17.04 5.82 -27.43
C GLU A 351 16.18 6.03 -26.18
C GLU A 351 16.20 5.98 -26.17
N THR A 352 15.38 4.97 -25.93
CA THR A 352 14.60 4.84 -24.71
C THR A 352 14.89 3.44 -24.17
N LEU A 353 15.29 3.34 -22.91
CA LEU A 353 15.64 2.08 -22.28
C LEU A 353 14.83 1.87 -21.02
N ASP A 354 14.34 0.67 -20.79
CA ASP A 354 13.60 0.35 -19.59
C ASP A 354 14.53 -0.08 -18.46
N THR A 355 14.17 0.31 -17.23
CA THR A 355 14.84 -0.15 -16.02
C THR A 355 13.75 -0.60 -15.05
N PRO A 356 14.09 -1.12 -13.86
CA PRO A 356 13.04 -1.70 -13.01
C PRO A 356 11.87 -0.79 -12.72
N MET A 357 12.11 0.50 -12.47
CA MET A 357 11.07 1.44 -12.08
C MET A 357 11.15 2.75 -12.84
N HIS A 358 11.98 2.83 -13.87
CA HIS A 358 12.24 4.05 -14.62
C HIS A 358 12.39 3.72 -16.10
N ARG A 359 12.49 4.78 -16.89
CA ARG A 359 13.01 4.71 -18.23
C ARG A 359 14.19 5.66 -18.33
N ILE A 360 15.12 5.32 -19.21
CA ILE A 360 16.24 6.19 -19.59
C ILE A 360 15.97 6.70 -20.99
N LEU A 361 16.00 8.01 -21.15
CA LEU A 361 16.01 8.62 -22.48
C LEU A 361 17.42 9.12 -22.74
N LEU A 362 17.96 8.84 -23.91
CA LEU A 362 19.22 9.42 -24.34
C LEU A 362 18.96 10.35 -25.51
N ALA A 363 19.59 11.53 -25.46
CA ALA A 363 19.42 12.54 -26.49
C ALA A 363 20.78 13.07 -26.90
N ARG A 364 20.92 13.39 -28.17
CA ARG A 364 22.15 13.96 -28.73
C ARG A 364 21.81 15.34 -29.28
N ARG A 365 22.82 16.08 -29.70
CA ARG A 365 22.56 17.31 -30.44
C ARG A 365 21.82 17.02 -31.74
N ALA A 366 20.85 17.86 -32.07
CA ALA A 366 20.08 17.64 -33.29
C ALA A 366 20.95 17.79 -34.53
N THR A 367 20.58 17.05 -35.57
CA THR A 367 21.28 17.09 -36.83
C THR A 367 20.56 17.89 -37.92
N GLU A 368 19.24 18.05 -37.81
CA GLU A 368 18.49 18.68 -38.89
C GLU A 368 17.88 20.00 -38.42
N PRO A 369 17.75 20.98 -39.32
CA PRO A 369 17.18 22.27 -38.91
C PRO A 369 15.67 22.17 -38.78
N SER A 370 15.09 23.15 -38.07
CA SER A 370 13.64 23.32 -38.06
C SER A 370 13.13 23.40 -39.48
N ALA A 371 11.90 22.96 -39.69
CA ALA A 371 11.29 23.13 -41.00
C ALA A 371 10.89 24.57 -41.28
N VAL A 372 10.80 25.41 -40.24
CA VAL A 372 10.48 26.83 -40.42
C VAL A 372 11.80 27.57 -40.59
N PRO A 373 12.01 28.29 -41.69
CA PRO A 373 13.28 29.01 -41.89
C PRO A 373 13.47 30.12 -40.85
N GLU A 374 14.75 30.47 -40.61
CA GLU A 374 15.07 31.61 -39.75
C GLU A 374 14.41 32.89 -40.28
N GLY A 375 14.16 33.83 -39.38
CA GLY A 375 13.46 35.04 -39.75
C GLY A 375 12.43 35.45 -38.72
N GLN A 376 11.77 36.59 -38.98
CA GLN A 376 10.81 37.11 -38.02
C GLN A 376 9.68 36.15 -37.71
N ALA A 377 9.19 35.42 -38.71
CA ALA A 377 8.08 34.50 -38.43
C ALA A 377 8.52 33.43 -37.45
N SER A 378 9.73 32.89 -37.63
CA SER A 378 10.28 31.91 -36.71
C SER A 378 10.46 32.50 -35.31
N GLU A 379 10.92 33.75 -35.25
CA GLU A 379 11.12 34.38 -33.95
C GLU A 379 9.80 34.57 -33.24
N ASN A 380 8.76 34.95 -33.98
CA ASN A 380 7.46 35.16 -33.36
C ASN A 380 6.88 33.85 -32.85
N LEU A 381 7.09 32.76 -33.60
CA LEU A 381 6.70 31.43 -33.12
C LEU A 381 7.48 31.07 -31.85
N TYR A 382 8.77 31.42 -31.81
CA TYR A 382 9.59 31.14 -30.63
C TYR A 382 9.08 31.87 -29.40
N PHE A 383 8.76 33.16 -29.53
CA PHE A 383 8.37 33.95 -28.38
C PHE A 383 7.00 33.55 -27.84
N GLN A 384 6.16 32.93 -28.67
CA GLN A 384 4.79 32.54 -28.32
C GLN A 384 4.85 31.17 -27.67
N ASN B 7 0.36 -7.20 -13.67
CA ASN B 7 -1.01 -6.78 -13.39
C ASN B 7 -1.08 -5.69 -12.29
N VAL B 8 -0.58 -6.04 -11.10
CA VAL B 8 -0.52 -5.15 -9.96
C VAL B 8 0.92 -4.65 -9.74
N SER B 9 1.90 -5.30 -10.33
CA SER B 9 3.28 -5.00 -9.93
C SER B 9 3.71 -3.59 -10.30
N LEU B 10 4.47 -2.98 -9.40
CA LEU B 10 5.07 -1.67 -9.63
C LEU B 10 6.55 -1.74 -9.92
N VAL B 11 7.10 -2.93 -9.99
CA VAL B 11 8.52 -3.16 -10.24
C VAL B 11 8.61 -4.17 -11.36
N ASP B 12 9.39 -3.87 -12.38
CA ASP B 12 9.66 -4.82 -13.45
C ASP B 12 10.78 -5.72 -12.96
N GLU B 13 10.37 -6.79 -12.30
CA GLU B 13 11.29 -7.70 -11.62
C GLU B 13 12.15 -8.45 -12.62
N SER B 14 11.68 -8.56 -13.87
CA SER B 14 12.44 -9.18 -14.94
C SER B 14 13.75 -8.44 -15.17
N LEU B 15 13.83 -7.18 -14.75
CA LEU B 15 14.99 -6.35 -14.93
C LEU B 15 15.87 -6.30 -13.69
N LEU B 16 15.51 -7.04 -12.64
CA LEU B 16 16.36 -7.20 -11.46
C LEU B 16 16.95 -8.58 -11.55
N VAL B 17 18.16 -8.64 -12.01
CA VAL B 17 18.76 -9.90 -12.33
C VAL B 17 20.01 -10.07 -11.48
N GLY B 18 20.45 -11.32 -11.43
CA GLY B 18 21.70 -11.71 -10.81
C GLY B 18 21.50 -12.17 -9.38
N VAL B 19 22.55 -12.75 -8.83
CA VAL B 19 22.48 -13.31 -7.49
C VAL B 19 23.77 -13.00 -6.74
N THR B 20 24.63 -12.09 -7.24
CA THR B 20 25.71 -11.62 -6.38
C THR B 20 25.08 -11.02 -5.13
N ASP B 21 25.89 -10.86 -4.08
CA ASP B 21 25.36 -10.24 -2.87
C ASP B 21 24.76 -8.86 -3.17
N GLU B 22 25.45 -8.07 -3.98
CA GLU B 22 24.92 -6.77 -4.33
C GLU B 22 23.60 -6.91 -5.06
N ASP B 23 23.53 -7.81 -6.05
CA ASP B 23 22.29 -7.98 -6.82
C ASP B 23 21.13 -8.37 -5.92
N ARG B 24 21.37 -9.26 -4.96
CA ARG B 24 20.30 -9.67 -4.06
C ARG B 24 19.86 -8.54 -3.17
N ALA B 25 20.80 -7.74 -2.67
CA ALA B 25 20.43 -6.59 -1.84
C ALA B 25 19.61 -5.61 -2.65
N VAL B 26 20.00 -5.32 -3.88
CA VAL B 26 19.26 -4.38 -4.71
C VAL B 26 17.86 -4.92 -4.98
N ARG B 27 17.75 -6.21 -5.31
CA ARG B 27 16.44 -6.81 -5.55
C ARG B 27 15.56 -6.68 -4.30
N SER B 28 16.09 -7.03 -3.11
N SER B 28 16.12 -7.04 -3.14
CA SER B 28 15.30 -6.90 -1.88
CA SER B 28 15.40 -6.91 -1.88
C SER B 28 14.91 -5.45 -1.65
C SER B 28 14.95 -5.47 -1.64
N ALA B 29 15.81 -4.51 -1.93
CA ALA B 29 15.46 -3.12 -1.68
C ALA B 29 14.29 -2.69 -2.54
N HIS B 30 14.26 -3.10 -3.80
CA HIS B 30 13.12 -2.80 -4.66
C HIS B 30 11.85 -3.45 -4.13
N GLN B 31 11.94 -4.68 -3.65
N GLN B 31 11.93 -4.72 -3.71
CA GLN B 31 10.75 -5.34 -3.14
CA GLN B 31 10.79 -5.41 -3.08
C GLN B 31 10.24 -4.68 -1.86
C GLN B 31 10.26 -4.60 -1.90
N PHE B 32 11.16 -4.25 -0.99
CA PHE B 32 10.77 -3.55 0.22
C PHE B 32 10.20 -2.18 -0.10
N TYR B 33 10.80 -1.46 -1.06
CA TYR B 33 10.28 -0.16 -1.48
C TYR B 33 8.87 -0.30 -2.03
N GLU B 34 8.62 -1.33 -2.84
CA GLU B 34 7.26 -1.55 -3.35
C GLU B 34 6.28 -1.76 -2.21
N ARG B 35 6.66 -2.50 -1.17
N ARG B 35 6.70 -2.47 -1.18
CA ARG B 35 5.76 -2.63 -0.02
CA ARG B 35 5.86 -2.69 -0.01
C ARG B 35 5.53 -1.29 0.65
C ARG B 35 5.58 -1.36 0.70
N LEU B 36 6.60 -0.52 0.86
CA LEU B 36 6.45 0.77 1.53
C LEU B 36 5.49 1.69 0.80
N ILE B 37 5.53 1.69 -0.54
CA ILE B 37 4.67 2.61 -1.31
C ILE B 37 3.26 2.11 -1.40
N GLY B 38 2.95 1.00 -0.76
CA GLY B 38 1.57 0.63 -0.55
C GLY B 38 0.78 1.66 0.24
N LEU B 39 1.46 2.55 0.96
CA LEU B 39 0.89 3.71 1.60
C LEU B 39 0.03 4.54 0.64
N TRP B 40 0.50 4.65 -0.58
CA TRP B 40 -0.07 5.62 -1.52
C TRP B 40 -1.50 5.28 -1.92
N ALA B 41 -1.84 3.99 -1.99
CA ALA B 41 -3.14 3.58 -2.48
C ALA B 41 -4.28 4.01 -1.57
N PRO B 42 -4.28 3.68 -0.28
CA PRO B 42 -5.35 4.21 0.58
C PRO B 42 -5.35 5.73 0.59
N ALA B 43 -4.18 6.37 0.54
CA ALA B 43 -4.20 7.82 0.54
C ALA B 43 -4.94 8.39 -0.67
N VAL B 44 -4.67 7.85 -1.85
CA VAL B 44 -5.32 8.27 -3.09
C VAL B 44 -6.81 7.95 -3.04
N MET B 45 -7.16 6.72 -2.64
CA MET B 45 -8.55 6.30 -2.65
C MET B 45 -9.37 7.08 -1.64
N GLU B 46 -8.82 7.27 -0.44
CA GLU B 46 -9.53 7.94 0.63
C GLU B 46 -9.65 9.44 0.36
N ALA B 47 -8.60 10.04 -0.24
CA ALA B 47 -8.73 11.44 -0.64
C ALA B 47 -9.81 11.61 -1.70
N ALA B 48 -9.84 10.69 -2.67
CA ALA B 48 -10.86 10.75 -3.72
C ALA B 48 -12.25 10.68 -3.10
N HIS B 49 -12.44 9.80 -2.12
CA HIS B 49 -13.71 9.73 -1.42
C HIS B 49 -14.06 11.06 -0.77
N GLU B 50 -13.11 11.65 -0.04
CA GLU B 50 -13.35 12.90 0.67
C GLU B 50 -13.72 14.01 -0.29
N LEU B 51 -13.14 14.02 -1.48
CA LEU B 51 -13.40 15.06 -2.48
C LEU B 51 -14.70 14.86 -3.23
N GLY B 52 -15.34 13.71 -3.10
CA GLY B 52 -16.54 13.42 -3.84
C GLY B 52 -16.34 12.87 -5.22
N VAL B 53 -15.14 12.37 -5.53
CA VAL B 53 -14.84 11.91 -6.87
C VAL B 53 -15.71 10.76 -7.29
N PHE B 54 -15.90 9.75 -6.41
CA PHE B 54 -16.61 8.57 -6.85
C PHE B 54 -18.07 8.88 -7.11
N ALA B 55 -18.71 9.62 -6.20
CA ALA B 55 -20.10 10.01 -6.40
C ALA B 55 -20.25 10.83 -7.68
N ALA B 56 -19.30 11.72 -7.98
CA ALA B 56 -19.41 12.53 -9.19
C ALA B 56 -19.24 11.70 -10.45
N LEU B 57 -18.31 10.75 -10.46
CA LEU B 57 -18.11 9.89 -11.62
C LEU B 57 -19.31 9.01 -11.87
N ALA B 58 -19.97 8.55 -10.81
CA ALA B 58 -21.16 7.75 -10.98
C ALA B 58 -22.28 8.56 -11.58
N GLU B 59 -22.41 9.83 -11.18
CA GLU B 59 -23.52 10.66 -11.66
C GLU B 59 -23.36 10.98 -13.13
N ALA B 60 -22.14 11.29 -13.56
CA ALA B 60 -21.84 11.60 -14.94
C ALA B 60 -20.35 11.41 -15.18
N PRO B 61 -19.96 10.44 -16.02
CA PRO B 61 -18.57 10.33 -16.52
C PRO B 61 -18.08 11.65 -17.07
N ALA B 62 -16.78 11.83 -17.00
CA ALA B 62 -16.26 13.17 -17.16
C ALA B 62 -14.80 13.12 -17.57
N ASP B 63 -14.38 14.13 -18.32
CA ASP B 63 -12.96 14.39 -18.46
CA ASP B 63 -12.96 14.41 -18.47
C ASP B 63 -12.43 15.02 -17.17
N SER B 64 -11.11 15.03 -17.01
CA SER B 64 -10.57 15.48 -15.72
C SER B 64 -10.82 16.96 -15.45
N GLY B 65 -10.79 17.80 -16.48
CA GLY B 65 -10.99 19.22 -16.28
C GLY B 65 -12.41 19.50 -15.86
N GLU B 66 -13.37 18.80 -16.48
CA GLU B 66 -14.76 18.95 -16.11
C GLU B 66 -14.99 18.48 -14.66
N LEU B 67 -14.39 17.37 -14.28
CA LEU B 67 -14.59 16.88 -12.92
C LEU B 67 -13.98 17.85 -11.94
N ALA B 68 -12.82 18.42 -12.26
CA ALA B 68 -12.22 19.42 -11.38
C ALA B 68 -13.13 20.62 -11.20
N ARG B 69 -13.76 21.09 -12.27
CA ARG B 69 -14.68 22.22 -12.14
C ARG B 69 -15.87 21.85 -11.25
N ARG B 70 -16.44 20.67 -11.48
CA ARG B 70 -17.58 20.22 -10.70
C ARG B 70 -17.27 20.11 -9.20
N LEU B 71 -16.05 19.73 -8.86
CA LEU B 71 -15.66 19.46 -7.49
C LEU B 71 -14.88 20.60 -6.87
N ASP B 72 -14.71 21.70 -7.60
CA ASP B 72 -13.93 22.87 -7.16
C ASP B 72 -12.51 22.47 -6.76
N CYS B 73 -11.86 21.71 -7.65
CA CYS B 73 -10.50 21.27 -7.46
C CYS B 73 -9.59 21.79 -8.57
N ASP B 74 -8.29 21.71 -8.34
CA ASP B 74 -7.29 22.06 -9.36
C ASP B 74 -7.33 21.03 -10.49
N ALA B 75 -7.31 21.53 -11.73
CA ALA B 75 -7.47 20.64 -12.87
C ALA B 75 -6.32 19.66 -13.01
N ARG B 76 -5.08 20.12 -12.88
CA ARG B 76 -3.96 19.22 -13.08
C ARG B 76 -3.93 18.18 -11.95
N ALA B 77 -4.11 18.63 -10.71
CA ALA B 77 -4.09 17.68 -9.59
C ALA B 77 -5.19 16.65 -9.73
N MET B 78 -6.33 17.06 -10.29
CA MET B 78 -7.40 16.11 -10.53
C MET B 78 -7.02 15.07 -11.58
N ARG B 79 -6.38 15.49 -12.68
CA ARG B 79 -5.87 14.51 -13.63
C ARG B 79 -4.93 13.53 -12.93
N VAL B 80 -4.01 14.04 -12.14
CA VAL B 80 -3.06 13.18 -11.45
C VAL B 80 -3.79 12.18 -10.57
N LEU B 81 -4.77 12.64 -9.79
CA LEU B 81 -5.50 11.76 -8.88
C LEU B 81 -6.27 10.70 -9.67
N LEU B 82 -6.97 11.11 -10.74
CA LEU B 82 -7.78 10.18 -11.52
C LEU B 82 -6.92 9.15 -12.23
N ASP B 83 -5.79 9.57 -12.80
CA ASP B 83 -4.93 8.59 -13.44
C ASP B 83 -4.34 7.63 -12.43
N ALA B 84 -4.07 8.08 -11.20
CA ALA B 84 -3.60 7.16 -10.15
C ALA B 84 -4.68 6.15 -9.80
N LEU B 85 -5.92 6.60 -9.65
CA LEU B 85 -7.03 5.68 -9.42
C LEU B 85 -7.18 4.68 -10.56
N TYR B 86 -6.99 5.12 -11.79
CA TYR B 86 -7.03 4.21 -12.94
C TYR B 86 -5.87 3.23 -12.89
N ALA B 87 -4.68 3.68 -12.51
CA ALA B 87 -3.54 2.79 -12.36
C ALA B 87 -3.77 1.71 -11.31
N TYR B 88 -4.56 2.01 -10.28
CA TYR B 88 -4.92 1.04 -9.25
C TYR B 88 -6.12 0.18 -9.67
N ASP B 89 -6.64 0.34 -10.87
N ASP B 89 -6.65 0.39 -10.86
CA ASP B 89 -7.82 -0.40 -11.34
CA ASP B 89 -7.81 -0.37 -11.34
C ASP B 89 -9.08 -0.08 -10.53
C ASP B 89 -9.00 -0.15 -10.40
N VAL B 90 -9.14 1.07 -9.90
CA VAL B 90 -10.27 1.42 -9.06
C VAL B 90 -11.37 2.07 -9.87
N ILE B 91 -10.99 2.96 -10.79
CA ILE B 91 -11.90 3.58 -11.73
C ILE B 91 -11.52 3.14 -13.13
N ASP B 92 -12.45 3.34 -14.06
CA ASP B 92 -12.24 3.06 -15.47
C ASP B 92 -11.93 4.36 -16.21
N ARG B 93 -11.35 4.23 -17.40
CA ARG B 93 -11.01 5.39 -18.20
C ARG B 93 -11.02 4.97 -19.65
N ILE B 94 -11.67 5.79 -20.47
CA ILE B 94 -11.71 5.62 -21.92
C ILE B 94 -10.78 6.64 -22.52
N HIS B 95 -9.95 6.22 -23.46
CA HIS B 95 -9.06 7.12 -24.18
C HIS B 95 -9.37 6.99 -25.66
N ASP B 96 -9.87 8.04 -26.27
CA ASP B 96 -10.17 8.03 -27.70
C ASP B 96 -9.75 9.36 -28.28
N THR B 97 -10.14 9.65 -29.51
CA THR B 97 -9.61 10.85 -30.14
C THR B 97 -10.15 12.12 -29.51
N ASN B 98 -11.16 12.02 -28.65
CA ASN B 98 -11.62 13.16 -27.87
C ASN B 98 -10.86 13.37 -26.58
N GLY B 99 -9.97 12.47 -26.24
CA GLY B 99 -9.26 12.60 -24.99
C GLY B 99 -9.65 11.52 -24.03
N PHE B 100 -9.61 11.84 -22.75
CA PHE B 100 -9.85 10.89 -21.68
C PHE B 100 -11.19 11.17 -21.04
N ARG B 101 -11.91 10.11 -20.70
CA ARG B 101 -13.13 10.18 -19.91
C ARG B 101 -13.01 9.15 -18.80
N TYR B 102 -13.35 9.53 -17.61
CA TYR B 102 -13.26 8.70 -16.42
C TYR B 102 -14.66 8.27 -16.02
N LEU B 103 -14.80 7.06 -15.48
CA LEU B 103 -16.11 6.51 -15.15
C LEU B 103 -15.94 5.36 -14.18
N LEU B 104 -17.06 4.90 -13.63
CA LEU B 104 -17.07 3.72 -12.77
C LEU B 104 -17.73 2.55 -13.48
N SER B 105 -17.12 1.37 -13.39
CA SER B 105 -17.82 0.14 -13.75
C SER B 105 -18.94 -0.09 -12.73
N ALA B 106 -19.89 -0.95 -13.11
CA ALA B 106 -20.97 -1.27 -12.17
C ALA B 106 -20.41 -1.85 -10.87
N GLU B 107 -19.39 -2.71 -10.97
CA GLU B 107 -18.88 -3.35 -9.75
C GLU B 107 -18.18 -2.31 -8.88
N ALA B 108 -17.44 -1.39 -9.50
CA ALA B 108 -16.79 -0.34 -8.74
C ALA B 108 -17.80 0.60 -8.12
N ARG B 109 -18.89 0.92 -8.82
CA ARG B 109 -19.92 1.76 -8.24
C ARG B 109 -20.45 1.17 -6.95
N GLU B 110 -20.72 -0.12 -6.95
CA GLU B 110 -21.23 -0.79 -5.77
C GLU B 110 -20.27 -0.66 -4.59
N CYS B 111 -18.98 -0.65 -4.86
CA CYS B 111 -17.98 -0.60 -3.80
C CYS B 111 -17.65 0.79 -3.33
N LEU B 112 -17.83 1.81 -4.15
CA LEU B 112 -17.24 3.11 -3.91
C LEU B 112 -18.23 4.17 -3.50
N LEU B 113 -19.51 3.92 -3.67
CA LEU B 113 -20.51 4.90 -3.33
C LEU B 113 -21.11 4.62 -1.96
N PRO B 114 -21.60 5.63 -1.26
CA PRO B 114 -22.23 5.40 0.04
C PRO B 114 -23.57 4.73 -0.15
N GLY B 115 -23.94 3.93 0.84
CA GLY B 115 -25.29 3.43 0.95
C GLY B 115 -25.62 2.18 0.17
N THR B 116 -24.68 1.65 -0.58
CA THR B 116 -24.87 0.38 -1.25
C THR B 116 -24.57 -0.75 -0.27
N LEU B 117 -24.95 -1.94 -0.66
CA LEU B 117 -24.77 -3.09 0.22
C LEU B 117 -23.30 -3.36 0.50
N PHE B 118 -22.44 -3.25 -0.51
CA PHE B 118 -21.04 -3.60 -0.38
C PHE B 118 -20.12 -2.40 -0.32
N SER B 119 -20.67 -1.22 -0.07
CA SER B 119 -19.88 -0.02 -0.01
C SER B 119 -18.69 -0.15 0.93
N LEU B 120 -17.54 0.30 0.46
CA LEU B 120 -16.34 0.43 1.28
C LEU B 120 -16.24 1.80 1.94
N VAL B 121 -17.24 2.67 1.79
CA VAL B 121 -17.14 3.99 2.38
C VAL B 121 -16.88 3.89 3.89
N GLY B 122 -17.53 2.96 4.58
CA GLY B 122 -17.29 2.85 6.01
C GLY B 122 -15.87 2.46 6.37
N LYS B 123 -15.22 1.67 5.50
CA LYS B 123 -13.80 1.36 5.65
C LYS B 123 -12.94 2.58 5.35
N PHE B 124 -13.25 3.32 4.29
CA PHE B 124 -12.53 4.58 4.06
C PHE B 124 -12.60 5.47 5.31
N MET B 125 -13.80 5.63 5.87
CA MET B 125 -13.98 6.54 7.00
C MET B 125 -13.32 6.00 8.26
N HIS B 126 -13.36 4.68 8.46
CA HIS B 126 -12.64 4.07 9.55
C HIS B 126 -11.15 4.37 9.46
N ASP B 127 -10.58 4.23 8.27
CA ASP B 127 -9.18 4.55 8.11
C ASP B 127 -8.91 6.02 8.41
N ILE B 128 -9.70 6.91 7.82
CA ILE B 128 -9.48 8.33 7.99
C ILE B 128 -9.58 8.72 9.45
N ASN B 129 -10.63 8.25 10.13
CA ASN B 129 -10.95 8.73 11.46
C ASN B 129 -10.19 7.99 12.55
N VAL B 130 -9.84 6.72 12.36
CA VAL B 130 -9.34 5.86 13.42
C VAL B 130 -7.99 5.27 13.03
N ALA B 131 -7.93 4.51 11.94
CA ALA B 131 -6.76 3.66 11.72
C ALA B 131 -5.52 4.44 11.33
N TRP B 132 -5.64 5.40 10.45
N TRP B 132 -5.64 5.42 10.37
CA TRP B 132 -4.44 6.08 9.98
CA TRP B 132 -4.53 6.29 9.91
C TRP B 132 -3.74 6.86 11.09
C TRP B 132 -3.77 6.78 11.13
N PRO B 133 -4.41 7.60 11.97
CA PRO B 133 -3.65 8.21 13.07
C PRO B 133 -3.05 7.17 13.99
N ALA B 134 -3.74 6.06 14.23
CA ALA B 134 -3.19 5.02 15.08
C ALA B 134 -1.96 4.37 14.47
N TRP B 135 -1.99 4.09 13.16
CA TRP B 135 -0.87 3.39 12.56
C TRP B 135 0.43 4.16 12.69
N ARG B 136 0.34 5.51 12.67
N ARG B 136 0.40 5.48 12.59
CA ARG B 136 1.48 6.41 12.83
CA ARG B 136 1.67 6.18 12.75
C ARG B 136 2.07 6.37 14.24
C ARG B 136 2.21 6.08 14.17
N ASN B 137 1.35 5.81 15.21
N ASN B 137 1.33 5.80 15.13
CA ASN B 137 1.81 5.68 16.60
CA ASN B 137 1.66 5.67 16.55
C ASN B 137 2.07 4.23 17.00
C ASN B 137 1.90 4.24 16.99
N LEU B 138 2.07 3.33 16.03
CA LEU B 138 2.20 1.91 16.36
C LEU B 138 3.38 1.61 17.27
N ALA B 139 4.51 2.29 17.10
CA ALA B 139 5.66 1.97 17.94
C ALA B 139 5.34 2.13 19.42
N GLU B 140 4.54 3.14 19.78
N GLU B 140 4.54 3.14 19.79
CA GLU B 140 4.21 3.35 21.18
CA GLU B 140 4.24 3.36 21.21
C GLU B 140 3.45 2.15 21.74
C GLU B 140 3.36 2.24 21.78
N VAL B 141 2.45 1.67 20.99
N VAL B 141 2.48 1.66 20.96
CA VAL B 141 1.68 0.55 21.49
CA VAL B 141 1.66 0.57 21.44
C VAL B 141 2.54 -0.70 21.62
C VAL B 141 2.48 -0.72 21.56
N VAL B 142 3.49 -0.90 20.71
CA VAL B 142 4.36 -2.06 20.86
C VAL B 142 5.23 -1.92 22.11
N ARG B 143 5.67 -0.70 22.40
CA ARG B 143 6.49 -0.47 23.59
C ARG B 143 5.71 -0.80 24.86
N HIS B 144 4.49 -0.31 24.98
CA HIS B 144 3.74 -0.40 26.22
C HIS B 144 2.83 -1.61 26.30
N GLY B 145 2.46 -2.20 25.18
CA GLY B 145 1.55 -3.33 25.14
C GLY B 145 0.09 -2.91 25.08
N ALA B 146 -0.74 -3.82 24.60
CA ALA B 146 -2.19 -3.61 24.51
C ALA B 146 -2.78 -4.05 25.85
N ARG B 147 -2.53 -3.23 26.90
CA ARG B 147 -2.76 -3.61 28.29
C ARG B 147 -3.50 -2.49 29.00
N ASP B 148 -4.33 -2.87 29.97
CA ASP B 148 -5.13 -1.90 30.74
C ASP B 148 -4.29 -1.37 31.91
N THR B 149 -4.86 -0.42 32.67
CA THR B 149 -4.13 0.21 33.77
C THR B 149 -3.74 -0.77 34.88
N SER B 150 -4.44 -1.90 35.00
CA SER B 150 -4.09 -2.94 35.96
C SER B 150 -3.02 -3.90 35.44
N GLY B 151 -2.66 -3.83 34.16
CA GLY B 151 -1.63 -4.69 33.61
C GLY B 151 -2.14 -5.88 32.83
N ALA B 152 -3.46 -6.11 32.79
CA ALA B 152 -4.03 -7.24 32.08
C ALA B 152 -4.18 -6.93 30.59
N GLU B 153 -4.21 -7.99 29.78
CA GLU B 153 -4.45 -7.78 28.35
C GLU B 153 -5.77 -7.02 28.17
N SER B 154 -5.83 -6.11 27.16
N SER B 154 -5.81 -6.04 27.23
CA SER B 154 -7.08 -5.42 26.91
CA SER B 154 -7.07 -5.35 26.95
C SER B 154 -7.74 -5.97 25.66
C SER B 154 -7.72 -5.88 25.67
N PRO B 155 -9.05 -5.97 25.61
CA PRO B 155 -9.73 -6.26 24.34
C PRO B 155 -9.51 -5.12 23.36
N ASN B 156 -9.86 -5.38 22.12
CA ASN B 156 -9.69 -4.36 21.10
C ASN B 156 -10.47 -3.11 21.47
N GLY B 157 -9.94 -1.95 21.07
CA GLY B 157 -10.46 -0.66 21.46
C GLY B 157 -11.40 0.04 20.49
N ILE B 158 -11.64 -0.50 19.30
CA ILE B 158 -12.59 0.14 18.38
C ILE B 158 -13.94 0.26 19.08
N ALA B 159 -14.51 1.45 19.09
CA ALA B 159 -15.69 1.77 19.89
C ALA B 159 -16.96 1.63 19.06
N GLN B 160 -18.09 1.57 19.74
CA GLN B 160 -19.34 1.40 19.02
C GLN B 160 -19.59 2.51 18.00
N GLU B 161 -19.22 3.74 18.32
CA GLU B 161 -19.44 4.82 17.37
C GLU B 161 -18.59 4.66 16.12
N ASP B 162 -17.41 4.05 16.26
CA ASP B 162 -16.55 3.74 15.12
C ASP B 162 -17.12 2.59 14.30
N TYR B 163 -17.71 1.59 14.98
CA TYR B 163 -18.36 0.51 14.26
C TYR B 163 -19.55 1.00 13.45
N GLU B 164 -20.20 2.09 13.83
CA GLU B 164 -21.31 2.59 13.03
C GLU B 164 -20.91 2.77 11.56
N SER B 165 -19.67 3.22 11.31
CA SER B 165 -19.12 3.27 9.95
C SER B 165 -18.55 1.94 9.49
N LEU B 166 -17.72 1.33 10.31
CA LEU B 166 -16.95 0.21 9.81
C LEU B 166 -17.83 -0.97 9.45
N VAL B 167 -18.93 -1.22 10.17
CA VAL B 167 -19.64 -2.49 9.90
C VAL B 167 -20.15 -2.57 8.47
N GLY B 168 -20.66 -1.48 7.90
CA GLY B 168 -21.09 -1.52 6.51
C GLY B 168 -19.94 -1.67 5.56
N GLY B 169 -18.77 -1.19 5.95
CA GLY B 169 -17.57 -1.28 5.17
C GLY B 169 -16.93 -2.65 5.10
N ILE B 170 -17.40 -3.61 5.89
CA ILE B 170 -16.91 -4.98 5.84
C ILE B 170 -18.00 -5.95 5.40
N ASN B 171 -19.12 -5.44 4.91
CA ASN B 171 -20.16 -6.31 4.35
C ASN B 171 -19.61 -7.17 3.23
N PHE B 172 -18.64 -6.66 2.45
CA PHE B 172 -18.11 -7.39 1.30
C PHE B 172 -17.54 -8.77 1.68
N TRP B 173 -17.11 -8.97 2.93
CA TRP B 173 -16.58 -10.27 3.32
C TRP B 173 -17.67 -11.34 3.31
N ALA B 174 -18.91 -10.95 3.56
CA ALA B 174 -19.92 -11.94 3.95
C ALA B 174 -20.32 -12.91 2.85
N PRO B 175 -20.57 -12.52 1.61
CA PRO B 175 -21.17 -13.50 0.67
C PRO B 175 -20.33 -14.76 0.45
N PRO B 176 -19.01 -14.68 0.25
CA PRO B 176 -18.25 -15.94 0.09
C PRO B 176 -18.32 -16.82 1.32
N ILE B 177 -18.30 -16.18 2.50
CA ILE B 177 -18.35 -16.90 3.75
C ILE B 177 -19.68 -17.62 3.91
N VAL B 178 -20.77 -16.90 3.67
CA VAL B 178 -22.08 -17.50 3.85
C VAL B 178 -22.34 -18.60 2.83
N THR B 179 -21.90 -18.46 1.59
N THR B 179 -21.92 -18.41 1.58
CA THR B 179 -22.16 -19.54 0.65
CA THR B 179 -22.04 -19.47 0.58
C THR B 179 -21.36 -20.78 1.03
C THR B 179 -21.38 -20.74 1.09
N THR B 180 -20.12 -20.62 1.51
CA THR B 180 -19.33 -21.76 1.98
C THR B 180 -20.00 -22.44 3.17
N LEU B 181 -20.45 -21.64 4.13
CA LEU B 181 -21.11 -22.16 5.31
C LEU B 181 -22.40 -22.88 4.94
N SER B 182 -23.20 -22.26 4.07
CA SER B 182 -24.47 -22.84 3.69
C SER B 182 -24.30 -24.18 3.00
N ARG B 183 -23.34 -24.30 2.10
N ARG B 183 -23.28 -24.30 2.13
CA ARG B 183 -23.09 -25.59 1.47
CA ARG B 183 -22.99 -25.55 1.44
C ARG B 183 -22.79 -26.64 2.51
C ARG B 183 -22.61 -26.65 2.43
N LYS B 184 -21.93 -26.33 3.48
N LYS B 184 -21.95 -26.29 3.52
CA LYS B 184 -21.60 -27.30 4.52
CA LYS B 184 -21.60 -27.27 4.54
C LYS B 184 -22.82 -27.62 5.40
C LYS B 184 -22.80 -27.61 5.40
N LEU B 185 -23.64 -26.63 5.72
CA LEU B 185 -24.83 -26.91 6.51
C LEU B 185 -25.81 -27.80 5.75
N ARG B 186 -25.97 -27.58 4.43
CA ARG B 186 -26.83 -28.49 3.65
C ARG B 186 -26.22 -29.90 3.54
N ALA B 187 -24.92 -30.02 3.29
CA ALA B 187 -24.31 -31.34 3.35
C ALA B 187 -24.39 -31.95 4.74
N SER B 188 -24.77 -31.16 5.77
CA SER B 188 -24.94 -31.64 7.13
C SER B 188 -26.40 -31.99 7.46
N GLY B 189 -27.23 -32.24 6.43
CA GLY B 189 -28.64 -32.54 6.62
C GLY B 189 -29.54 -31.39 7.01
N ARG B 190 -29.03 -30.16 7.06
CA ARG B 190 -29.88 -28.98 7.30
C ARG B 190 -30.44 -28.54 5.96
N SER B 191 -31.76 -28.55 5.83
CA SER B 191 -32.38 -28.25 4.55
C SER B 191 -33.22 -26.97 4.63
N GLY B 192 -33.51 -26.43 3.45
CA GLY B 192 -34.65 -25.52 3.33
C GLY B 192 -35.89 -26.22 3.84
N ASP B 193 -37.00 -25.47 3.93
CA ASP B 193 -38.29 -26.05 4.32
C ASP B 193 -38.32 -26.61 5.75
N ALA B 194 -37.18 -26.67 6.44
CA ALA B 194 -37.15 -26.97 7.87
C ALA B 194 -36.78 -25.71 8.60
N THR B 195 -37.43 -25.46 9.75
N THR B 195 -37.43 -25.45 9.74
CA THR B 195 -37.17 -24.27 10.54
CA THR B 195 -37.12 -24.26 10.49
C THR B 195 -35.90 -24.46 11.36
C THR B 195 -35.89 -24.47 11.36
N ALA B 196 -35.23 -23.35 11.66
CA ALA B 196 -34.07 -23.33 12.54
C ALA B 196 -33.95 -21.90 13.02
N SER B 197 -33.25 -21.74 14.14
CA SER B 197 -33.05 -20.44 14.78
C SER B 197 -31.56 -20.12 14.85
N VAL B 198 -31.20 -18.94 14.38
CA VAL B 198 -29.81 -18.48 14.34
C VAL B 198 -29.63 -17.37 15.35
N LEU B 199 -28.51 -17.38 16.08
CA LEU B 199 -28.05 -16.25 16.90
C LEU B 199 -26.76 -15.71 16.28
N ASP B 200 -26.73 -14.41 15.97
CA ASP B 200 -25.60 -13.76 15.30
C ASP B 200 -25.04 -12.76 16.31
N VAL B 201 -23.95 -13.13 16.97
CA VAL B 201 -23.44 -12.40 18.12
C VAL B 201 -22.51 -11.28 17.63
N GLY B 202 -22.84 -10.03 17.95
CA GLY B 202 -22.10 -8.90 17.37
C GLY B 202 -22.35 -8.85 15.88
N CYS B 203 -23.61 -8.77 15.49
CA CYS B 203 -24.02 -9.02 14.12
C CYS B 203 -23.60 -7.94 13.13
N GLY B 204 -23.24 -6.75 13.60
CA GLY B 204 -22.95 -5.67 12.66
C GLY B 204 -24.20 -5.32 11.87
N THR B 205 -24.06 -5.19 10.55
CA THR B 205 -25.22 -4.94 9.72
C THR B 205 -26.18 -6.12 9.66
N GLY B 206 -25.78 -7.30 10.14
CA GLY B 206 -26.63 -8.45 10.04
C GLY B 206 -26.54 -9.19 8.74
N LEU B 207 -25.62 -8.84 7.86
CA LEU B 207 -25.60 -9.44 6.53
C LEU B 207 -25.41 -10.94 6.57
N TYR B 208 -24.60 -11.46 7.48
CA TYR B 208 -24.37 -12.91 7.50
C TYR B 208 -25.68 -13.64 7.78
N SER B 209 -26.39 -13.20 8.81
CA SER B 209 -27.73 -13.70 9.14
C SER B 209 -28.68 -13.57 7.97
N GLN B 210 -28.71 -12.38 7.40
CA GLN B 210 -29.69 -12.08 6.38
C GLN B 210 -29.44 -12.91 5.12
N LEU B 211 -28.17 -13.14 4.75
CA LEU B 211 -27.91 -14.04 3.64
C LEU B 211 -28.31 -15.47 3.97
N LEU B 212 -28.06 -15.92 5.20
CA LEU B 212 -28.56 -17.24 5.62
C LEU B 212 -30.08 -17.30 5.50
N LEU B 213 -30.78 -16.23 5.92
CA LEU B 213 -32.24 -16.22 5.81
C LEU B 213 -32.70 -16.34 4.36
N ARG B 214 -31.97 -15.71 3.43
CA ARG B 214 -32.33 -15.85 2.03
C ARG B 214 -32.12 -17.27 1.52
N GLU B 215 -31.06 -17.93 2.01
CA GLU B 215 -30.73 -19.29 1.59
C GLU B 215 -31.68 -20.31 2.20
N PHE B 216 -32.15 -20.08 3.41
CA PHE B 216 -32.95 -21.02 4.19
C PHE B 216 -34.26 -20.31 4.52
N PRO B 217 -35.28 -20.38 3.65
CA PRO B 217 -36.45 -19.50 3.79
C PRO B 217 -37.32 -19.74 5.02
N ARG B 218 -37.15 -20.84 5.74
CA ARG B 218 -37.93 -21.04 6.96
C ARG B 218 -37.16 -20.69 8.22
N TRP B 219 -35.89 -20.31 8.10
CA TRP B 219 -35.11 -19.99 9.28
C TRP B 219 -35.46 -18.61 9.81
N THR B 220 -35.15 -18.42 11.10
CA THR B 220 -35.16 -17.10 11.69
C THR B 220 -33.81 -16.79 12.28
N ALA B 221 -33.53 -15.51 12.47
CA ALA B 221 -32.26 -15.07 12.99
C ALA B 221 -32.46 -13.90 13.94
N THR B 222 -31.63 -13.90 14.99
CA THR B 222 -31.58 -12.84 15.96
C THR B 222 -30.17 -12.30 16.05
N GLY B 223 -30.00 -11.00 15.83
CA GLY B 223 -28.70 -10.36 15.94
C GLY B 223 -28.54 -9.63 17.26
N LEU B 224 -27.40 -9.83 17.89
CA LEU B 224 -27.02 -9.07 19.09
C LEU B 224 -26.03 -7.98 18.69
N ASP B 225 -26.33 -6.74 19.03
CA ASP B 225 -25.37 -5.67 18.82
C ASP B 225 -25.85 -4.46 19.63
N VAL B 226 -25.08 -3.40 19.62
CA VAL B 226 -25.47 -2.20 20.34
C VAL B 226 -26.58 -1.48 19.58
N GLU B 227 -27.25 -0.58 20.30
CA GLU B 227 -28.43 0.12 19.84
C GLU B 227 -28.32 0.63 18.41
N ARG B 228 -27.32 1.46 18.15
CA ARG B 228 -27.30 2.16 16.87
C ARG B 228 -26.98 1.21 15.74
N ILE B 229 -26.19 0.17 16.04
N ILE B 229 -26.26 0.13 16.03
CA ILE B 229 -25.86 -0.86 15.05
CA ILE B 229 -25.95 -0.82 14.96
C ILE B 229 -27.09 -1.71 14.74
C ILE B 229 -27.08 -1.80 14.73
N ALA B 230 -27.85 -2.11 15.77
CA ALA B 230 -29.09 -2.85 15.56
C ALA B 230 -30.04 -2.11 14.62
N THR B 231 -30.12 -0.77 14.76
CA THR B 231 -30.94 0.00 13.83
C THR B 231 -30.48 -0.21 12.38
N LEU B 232 -29.17 -0.13 12.13
CA LEU B 232 -28.63 -0.39 10.80
C LEU B 232 -28.99 -1.79 10.33
N ALA B 233 -28.89 -2.77 11.21
CA ALA B 233 -29.11 -4.15 10.80
C ALA B 233 -30.56 -4.38 10.41
N ASN B 234 -31.51 -3.83 11.16
CA ASN B 234 -32.91 -3.96 10.78
C ASN B 234 -33.21 -3.28 9.46
N ALA B 235 -32.63 -2.10 9.22
CA ALA B 235 -32.87 -1.43 7.95
C ALA B 235 -32.35 -2.28 6.79
N GLN B 236 -31.20 -2.92 6.98
CA GLN B 236 -30.64 -3.74 5.91
C GLN B 236 -31.46 -5.00 5.66
N ALA B 237 -31.97 -5.62 6.74
CA ALA B 237 -32.84 -6.78 6.56
C ALA B 237 -34.05 -6.41 5.74
N LEU B 238 -34.59 -5.23 5.98
CA LEU B 238 -35.75 -4.75 5.22
C LEU B 238 -35.38 -4.58 3.74
N ARG B 239 -34.22 -4.00 3.44
N ARG B 239 -34.18 -4.08 3.45
CA ARG B 239 -33.80 -3.91 2.03
CA ARG B 239 -33.79 -3.93 2.05
C ARG B 239 -33.68 -5.28 1.38
C ARG B 239 -33.65 -5.29 1.38
N LEU B 240 -33.23 -6.29 2.13
CA LEU B 240 -33.02 -7.63 1.60
C LEU B 240 -34.26 -8.50 1.63
N GLY B 241 -35.37 -8.01 2.15
CA GLY B 241 -36.61 -8.73 2.10
C GLY B 241 -36.70 -9.86 3.10
N VAL B 242 -35.96 -9.82 4.20
CA VAL B 242 -35.98 -10.87 5.21
C VAL B 242 -36.38 -10.31 6.56
N GLU B 243 -36.93 -9.11 6.62
CA GLU B 243 -37.24 -8.46 7.88
C GLU B 243 -38.19 -9.28 8.73
N GLU B 244 -39.14 -10.01 8.13
CA GLU B 244 -40.09 -10.77 8.93
C GLU B 244 -39.43 -11.90 9.73
N ARG B 245 -38.21 -12.29 9.38
CA ARG B 245 -37.50 -13.39 10.00
C ARG B 245 -36.20 -12.96 10.65
N PHE B 246 -35.95 -11.66 10.75
CA PHE B 246 -34.75 -11.13 11.36
C PHE B 246 -35.16 -10.21 12.51
N ALA B 247 -34.63 -10.47 13.69
CA ALA B 247 -34.85 -9.65 14.86
C ALA B 247 -33.52 -9.21 15.44
N THR B 248 -33.52 -8.15 16.24
CA THR B 248 -32.33 -7.73 16.99
C THR B 248 -32.62 -7.62 18.47
N ARG B 249 -31.59 -7.87 19.28
N ARG B 249 -31.56 -7.79 19.24
CA ARG B 249 -31.62 -7.56 20.71
CA ARG B 249 -31.60 -7.60 20.68
C ARG B 249 -30.45 -6.65 21.04
N ALA B 250 -30.87 -5.38 21.21
N ALA B 250 -30.72 -5.46 21.56
CA ALA B 250 -29.96 -4.24 21.31
CA ALA B 250 -29.60 -4.58 21.92
C ALA B 250 -29.36 -4.16 22.70
C ALA B 250 -29.04 -4.95 23.29
N GLY B 251 -28.06 -3.99 22.74
N GLY B 251 -27.72 -4.91 23.42
CA GLY B 251 -27.37 -3.71 23.97
CA GLY B 251 -27.09 -5.16 24.70
C GLY B 251 -26.08 -4.46 24.04
C GLY B 251 -25.65 -5.59 24.56
N ASP B 252 -25.32 -4.18 25.08
N ASP B 252 -24.96 -5.67 25.69
CA ASP B 252 -24.03 -4.83 25.36
CA ASP B 252 -23.57 -6.16 25.76
C ASP B 252 -24.26 -6.32 25.53
C ASP B 252 -23.55 -7.68 25.80
N PHE B 253 -23.64 -7.15 24.67
N PHE B 253 -23.06 -8.29 24.72
CA PHE B 253 -23.90 -8.59 24.77
CA PHE B 253 -23.12 -9.76 24.62
C PHE B 253 -23.28 -9.20 26.04
C PHE B 253 -22.18 -10.47 25.57
N TRP B 254 -22.39 -8.50 26.75
N TRP B 254 -21.20 -9.75 26.15
CA TRP B 254 -21.90 -8.99 28.04
CA TRP B 254 -20.28 -10.37 27.10
C TRP B 254 -22.97 -8.90 29.13
C TRP B 254 -21.02 -10.91 28.33
N ARG B 255 -24.10 -8.26 28.87
N ARG B 255 -22.23 -10.41 28.62
CA ARG B 255 -25.18 -8.23 29.86
CA ARG B 255 -22.99 -10.84 29.78
C ARG B 255 -26.01 -9.50 29.78
C ARG B 255 -23.50 -12.28 29.66
N GLY B 256 -25.69 -10.37 28.82
N GLY B 256 -23.58 -12.84 28.45
CA GLY B 256 -26.49 -11.57 28.56
CA GLY B 256 -24.22 -14.14 28.25
C GLY B 256 -27.79 -11.20 27.87
C GLY B 256 -25.73 -14.08 28.47
N GLY B 257 -28.85 -11.88 28.28
N GLY B 257 -26.30 -15.22 28.84
CA GLY B 257 -30.11 -11.87 27.54
CA GLY B 257 -27.74 -15.36 28.98
C GLY B 257 -30.01 -12.35 26.11
C GLY B 257 -28.49 -15.18 27.68
N TRP B 258 -29.18 -13.37 25.86
N TRP B 258 -27.98 -15.77 26.60
CA TRP B 258 -29.00 -13.93 24.52
CA TRP B 258 -28.45 -15.47 25.25
C TRP B 258 -30.17 -14.77 24.03
C TRP B 258 -29.74 -16.20 24.91
N GLY B 259 -30.92 -15.46 24.92
N GLY B 259 -30.20 -17.08 25.76
CA GLY B 259 -31.87 -16.55 24.58
CA GLY B 259 -31.43 -17.76 25.53
C GLY B 259 -31.25 -17.96 24.64
C GLY B 259 -31.16 -19.22 25.34
N THR B 260 -32.00 -19.03 24.22
N THR B 260 -32.08 -19.88 24.70
CA THR B 260 -31.65 -20.49 24.20
CA THR B 260 -32.02 -21.30 24.65
C THR B 260 -32.28 -21.27 23.01
C THR B 260 -32.48 -21.57 23.25
N GLY B 261 -31.88 -22.58 22.75
CA GLY B 261 -32.50 -23.28 21.65
C GLY B 261 -31.98 -22.90 20.29
N TYR B 262 -30.82 -22.26 20.19
CA TYR B 262 -30.32 -21.87 18.89
C TYR B 262 -29.68 -23.05 18.15
N ASP B 263 -30.03 -23.19 16.88
CA ASP B 263 -29.44 -24.21 16.01
C ASP B 263 -28.06 -23.80 15.53
N LEU B 264 -27.82 -22.49 15.42
CA LEU B 264 -26.57 -21.98 14.91
C LEU B 264 -26.25 -20.71 15.71
N VAL B 265 -25.07 -20.64 16.30
CA VAL B 265 -24.56 -19.43 16.95
C VAL B 265 -23.36 -18.99 16.15
N LEU B 266 -23.45 -17.82 15.54
CA LEU B 266 -22.42 -17.30 14.65
C LEU B 266 -21.62 -16.20 15.34
N PHE B 267 -20.30 -16.31 15.26
CA PHE B 267 -19.38 -15.27 15.64
C PHE B 267 -18.50 -14.93 14.45
N ALA B 268 -18.87 -13.90 13.70
CA ALA B 268 -18.07 -13.46 12.55
C ALA B 268 -17.32 -12.21 12.94
N ASN B 269 -15.99 -12.26 12.91
CA ASN B 269 -15.18 -11.10 13.18
C ASN B 269 -15.38 -10.59 14.61
N ILE B 270 -15.52 -11.52 15.57
CA ILE B 270 -15.72 -11.22 16.97
C ILE B 270 -14.54 -11.67 17.82
N PHE B 271 -14.10 -12.92 17.64
CA PHE B 271 -13.06 -13.44 18.51
C PHE B 271 -11.76 -12.68 18.39
N HIS B 272 -11.42 -12.13 17.21
CA HIS B 272 -10.18 -11.36 17.13
C HIS B 272 -10.18 -10.11 18.01
N LEU B 273 -11.35 -9.63 18.44
CA LEU B 273 -11.45 -8.48 19.33
C LEU B 273 -11.19 -8.83 20.79
N GLN B 274 -11.20 -10.11 21.14
CA GLN B 274 -11.25 -10.56 22.52
C GLN B 274 -9.85 -10.70 23.10
N THR B 275 -9.81 -10.81 24.42
CA THR B 275 -8.65 -11.38 25.11
C THR B 275 -8.89 -12.87 25.28
N PRO B 276 -7.87 -13.64 25.65
CA PRO B 276 -8.15 -15.06 25.94
C PRO B 276 -9.21 -15.25 27.01
N ALA B 277 -9.18 -14.41 28.06
CA ALA B 277 -10.18 -14.53 29.12
C ALA B 277 -11.59 -14.24 28.61
N SER B 278 -11.74 -13.18 27.80
CA SER B 278 -13.09 -12.86 27.33
C SER B 278 -13.56 -13.86 26.27
N ALA B 279 -12.62 -14.40 25.49
CA ALA B 279 -12.96 -15.39 24.48
C ALA B 279 -13.52 -16.66 25.09
N VAL B 280 -12.90 -17.17 26.14
CA VAL B 280 -13.39 -18.40 26.73
C VAL B 280 -14.77 -18.17 27.35
N ARG B 281 -15.01 -16.98 27.90
CA ARG B 281 -16.33 -16.69 28.44
C ARG B 281 -17.37 -16.68 27.34
N LEU B 282 -17.06 -16.01 26.22
CA LEU B 282 -17.99 -16.00 25.11
C LEU B 282 -18.29 -17.41 24.64
N MET B 283 -17.27 -18.25 24.55
CA MET B 283 -17.46 -19.60 24.05
C MET B 283 -18.37 -20.41 24.98
N ARG B 284 -18.20 -20.23 26.28
CA ARG B 284 -19.06 -20.91 27.23
C ARG B 284 -20.50 -20.40 27.11
N HIS B 285 -20.70 -19.07 26.91
CA HIS B 285 -22.06 -18.54 26.72
C HIS B 285 -22.70 -19.16 25.49
N ALA B 286 -21.92 -19.28 24.43
CA ALA B 286 -22.46 -19.85 23.22
C ALA B 286 -22.92 -21.27 23.46
N ALA B 287 -22.10 -22.07 24.12
CA ALA B 287 -22.48 -23.47 24.34
C ALA B 287 -23.79 -23.58 25.09
N ALA B 288 -24.01 -22.69 26.05
CA ALA B 288 -25.21 -22.76 26.88
C ALA B 288 -26.48 -22.43 26.11
N CYS B 289 -26.33 -21.70 25.01
N CYS B 289 -26.42 -21.68 25.01
CA CYS B 289 -27.43 -21.17 24.22
CA CYS B 289 -27.66 -21.32 24.32
C CYS B 289 -27.80 -22.10 23.07
C CYS B 289 -28.00 -22.27 23.18
N LEU B 290 -27.13 -23.25 22.92
CA LEU B 290 -27.34 -24.16 21.79
C LEU B 290 -28.46 -25.13 22.04
N ALA B 291 -29.21 -25.39 20.98
CA ALA B 291 -30.13 -26.47 20.93
C ALA B 291 -29.36 -27.77 20.91
N PRO B 292 -30.04 -28.86 21.18
CA PRO B 292 -29.55 -30.15 20.76
C PRO B 292 -29.26 -30.13 19.26
N ASP B 293 -28.11 -30.63 18.97
CA ASP B 293 -27.57 -30.69 17.65
C ASP B 293 -27.20 -29.32 17.08
N GLY B 294 -27.12 -28.26 17.92
CA GLY B 294 -26.72 -26.96 17.43
C GLY B 294 -25.24 -26.89 17.15
N LEU B 295 -24.90 -25.90 16.35
CA LEU B 295 -23.52 -25.63 15.97
C LEU B 295 -23.11 -24.23 16.36
N VAL B 296 -21.84 -24.08 16.74
CA VAL B 296 -21.16 -22.79 16.81
C VAL B 296 -20.28 -22.65 15.58
N ALA B 297 -20.39 -21.50 14.92
CA ALA B 297 -19.56 -21.14 13.78
C ALA B 297 -18.73 -19.92 14.14
N VAL B 298 -17.42 -20.09 14.11
CA VAL B 298 -16.47 -19.01 14.28
C VAL B 298 -15.91 -18.67 12.93
N VAL B 299 -16.05 -17.42 12.51
CA VAL B 299 -15.48 -16.94 11.25
C VAL B 299 -14.44 -15.89 11.65
N ASP B 300 -13.17 -16.14 11.40
CA ASP B 300 -12.14 -15.27 11.93
C ASP B 300 -10.85 -15.48 11.17
N GLN B 301 -9.85 -14.70 11.56
N GLN B 301 -9.82 -14.79 11.62
CA GLN B 301 -8.47 -14.81 11.10
CA GLN B 301 -8.49 -14.80 11.03
C GLN B 301 -7.79 -15.81 12.01
C GLN B 301 -7.67 -15.74 11.91
N ILE B 302 -7.60 -17.02 11.51
CA ILE B 302 -7.17 -18.11 12.34
C ILE B 302 -5.94 -18.71 11.70
N VAL B 303 -4.93 -19.04 12.49
CA VAL B 303 -3.65 -19.57 11.99
C VAL B 303 -3.20 -20.68 12.93
N ASP B 304 -2.38 -21.59 12.44
CA ASP B 304 -1.72 -22.56 13.31
C ASP B 304 -0.75 -21.84 14.22
N ALA B 305 -0.51 -22.47 15.38
CA ALA B 305 0.45 -21.96 16.35
C ALA B 305 1.82 -21.76 15.76
N ASP B 306 2.16 -22.43 14.65
CA ASP B 306 3.45 -22.19 14.05
C ASP B 306 3.52 -20.83 13.41
N ARG B 307 2.37 -20.19 13.15
N ARG B 307 2.38 -20.20 13.14
CA ARG B 307 2.31 -18.84 12.61
CA ARG B 307 2.32 -18.83 12.62
C ARG B 307 3.18 -18.70 11.36
C ARG B 307 3.17 -18.70 11.36
N GLU B 308 3.06 -19.69 10.48
CA GLU B 308 3.74 -19.65 9.17
C GLU B 308 2.78 -19.10 8.11
N PRO B 309 3.24 -18.15 7.29
CA PRO B 309 2.37 -17.52 6.28
C PRO B 309 2.28 -18.36 5.02
N LYS B 310 1.75 -19.59 5.16
CA LYS B 310 1.77 -20.59 4.12
C LYS B 310 0.70 -20.40 3.04
N THR B 311 -0.38 -19.70 3.35
CA THR B 311 -1.48 -19.45 2.45
C THR B 311 -1.82 -17.99 2.57
N PRO B 312 -2.65 -17.45 1.65
CA PRO B 312 -3.08 -16.05 1.80
C PRO B 312 -3.81 -15.84 3.12
N GLN B 313 -4.64 -16.80 3.54
CA GLN B 313 -5.40 -16.62 4.77
C GLN B 313 -4.45 -16.54 5.98
N ASP B 314 -3.40 -17.36 6.00
CA ASP B 314 -2.42 -17.30 7.09
C ASP B 314 -1.68 -15.96 7.08
N ARG B 315 -1.28 -15.51 5.89
N ARG B 315 -1.22 -15.53 5.89
CA ARG B 315 -0.53 -14.27 5.78
CA ARG B 315 -0.55 -14.23 5.75
C ARG B 315 -1.40 -13.08 6.21
C ARG B 315 -1.43 -13.12 6.29
N PHE B 316 -2.66 -13.05 5.77
CA PHE B 316 -3.56 -11.99 6.22
C PHE B 316 -3.80 -12.06 7.71
N ALA B 317 -3.93 -13.27 8.29
CA ALA B 317 -4.16 -13.38 9.72
C ALA B 317 -3.02 -12.74 10.50
N LEU B 318 -1.77 -12.99 10.09
CA LEU B 318 -0.64 -12.42 10.80
C LEU B 318 -0.66 -10.90 10.70
N LEU B 319 -1.05 -10.35 9.56
CA LEU B 319 -1.17 -8.90 9.44
C LEU B 319 -2.34 -8.36 10.24
N PHE B 320 -3.44 -9.09 10.26
CA PHE B 320 -4.62 -8.65 10.97
C PHE B 320 -4.34 -8.54 12.47
N ALA B 321 -3.49 -9.42 13.01
CA ALA B 321 -3.11 -9.29 14.40
C ALA B 321 -2.48 -7.92 14.66
N ALA B 322 -1.67 -7.43 13.72
CA ALA B 322 -1.11 -6.09 13.87
C ALA B 322 -2.19 -5.02 13.82
N SER B 323 -3.22 -5.19 12.98
CA SER B 323 -4.30 -4.23 12.94
C SER B 323 -5.04 -4.19 14.28
N MET B 324 -5.20 -5.35 14.93
CA MET B 324 -5.80 -5.41 16.27
C MET B 324 -4.93 -4.68 17.30
N THR B 325 -3.64 -4.97 17.33
CA THR B 325 -2.75 -4.27 18.25
C THR B 325 -2.78 -2.77 17.98
N ASN B 326 -2.82 -2.36 16.71
CA ASN B 326 -2.86 -0.95 16.36
C ASN B 326 -3.99 -0.23 17.04
N THR B 327 -5.14 -0.90 17.15
CA THR B 327 -6.36 -0.31 17.71
C THR B 327 -6.68 -0.84 19.11
N GLY B 328 -5.67 -1.31 19.86
CA GLY B 328 -5.76 -1.39 21.29
C GLY B 328 -5.91 -2.76 21.90
N GLY B 329 -5.97 -3.81 21.13
CA GLY B 329 -6.07 -5.14 21.71
C GLY B 329 -6.68 -6.13 20.75
N GLY B 330 -6.69 -7.38 21.18
CA GLY B 330 -7.14 -8.48 20.34
C GLY B 330 -5.98 -9.14 19.61
N ASP B 331 -6.29 -10.09 18.73
CA ASP B 331 -5.22 -10.89 18.12
C ASP B 331 -5.83 -11.68 16.98
N ALA B 332 -4.98 -12.30 16.17
CA ALA B 332 -5.38 -13.41 15.32
C ALA B 332 -4.98 -14.67 16.07
N TYR B 333 -5.98 -15.32 16.66
CA TYR B 333 -5.75 -16.46 17.52
C TYR B 333 -5.49 -17.73 16.71
N THR B 334 -4.91 -18.72 17.39
CA THR B 334 -4.50 -19.95 16.75
C THR B 334 -5.58 -21.01 16.84
N PHE B 335 -5.49 -21.97 15.91
CA PHE B 335 -6.39 -23.11 15.98
C PHE B 335 -6.32 -23.76 17.35
N GLN B 336 -5.10 -23.89 17.92
CA GLN B 336 -4.93 -24.54 19.20
C GLN B 336 -5.65 -23.79 20.30
N GLU B 337 -5.61 -22.45 20.24
CA GLU B 337 -6.34 -21.65 21.23
C GLU B 337 -7.85 -21.88 21.10
N TYR B 338 -8.37 -21.82 19.88
CA TYR B 338 -9.80 -22.11 19.72
C TYR B 338 -10.17 -23.48 20.27
N GLU B 339 -9.32 -24.49 20.04
CA GLU B 339 -9.64 -25.81 20.55
C GLU B 339 -9.66 -25.84 22.07
N GLU B 340 -8.77 -25.08 22.71
CA GLU B 340 -8.81 -24.96 24.16
C GLU B 340 -10.13 -24.36 24.61
N TRP B 341 -10.56 -23.28 23.94
CA TRP B 341 -11.82 -22.61 24.31
C TRP B 341 -13.02 -23.52 24.07
N PHE B 342 -13.02 -24.23 22.94
CA PHE B 342 -14.09 -25.20 22.68
C PHE B 342 -14.16 -26.25 23.79
N THR B 343 -13.01 -26.80 24.17
CA THR B 343 -12.96 -27.83 25.20
C THR B 343 -13.49 -27.30 26.52
N ALA B 344 -13.08 -26.09 26.89
CA ALA B 344 -13.54 -25.48 28.13
C ALA B 344 -15.05 -25.28 28.15
N ALA B 345 -15.68 -25.12 26.99
CA ALA B 345 -17.12 -24.90 26.86
C ALA B 345 -17.88 -26.20 26.59
N GLY B 346 -17.20 -27.35 26.59
CA GLY B 346 -17.86 -28.61 26.33
C GLY B 346 -18.15 -28.84 24.86
N LEU B 347 -17.49 -28.10 23.96
CA LEU B 347 -17.66 -28.19 22.52
C LEU B 347 -16.48 -28.93 21.91
N GLN B 348 -16.67 -29.38 20.68
CA GLN B 348 -15.62 -30.04 19.94
C GLN B 348 -15.63 -29.51 18.50
N ARG B 349 -14.48 -29.11 18.01
N ARG B 349 -14.46 -29.12 18.02
CA ARG B 349 -14.40 -28.67 16.62
CA ARG B 349 -14.31 -28.74 16.63
C ARG B 349 -14.60 -29.86 15.69
C ARG B 349 -14.65 -29.92 15.72
N ILE B 350 -15.41 -29.65 14.67
CA ILE B 350 -15.78 -30.68 13.71
C ILE B 350 -15.43 -30.33 12.28
N GLU B 351 -15.20 -29.06 11.95
N GLU B 351 -15.06 -29.10 11.97
CA GLU B 351 -14.93 -28.64 10.57
CA GLU B 351 -14.75 -28.79 10.59
C GLU B 351 -14.02 -27.42 10.61
C GLU B 351 -14.07 -27.43 10.56
N THR B 352 -13.20 -27.29 9.56
CA THR B 352 -12.51 -26.05 9.25
C THR B 352 -12.64 -25.83 7.76
N LEU B 353 -13.16 -24.68 7.38
CA LEU B 353 -13.40 -24.33 5.99
C LEU B 353 -12.67 -23.04 5.65
N ASP B 354 -12.01 -22.97 4.51
CA ASP B 354 -11.35 -21.77 4.05
C ASP B 354 -12.31 -20.86 3.30
N THR B 355 -12.12 -19.56 3.48
CA THR B 355 -12.83 -18.53 2.75
C THR B 355 -11.78 -17.55 2.23
N PRO B 356 -12.14 -16.53 1.46
CA PRO B 356 -11.11 -15.68 0.85
C PRO B 356 -10.09 -15.07 1.80
N MET B 357 -10.51 -14.64 2.99
CA MET B 357 -9.65 -13.99 3.95
C MET B 357 -9.85 -14.50 5.37
N HIS B 358 -10.59 -15.58 5.55
CA HIS B 358 -10.92 -16.09 6.86
C HIS B 358 -10.88 -17.62 6.81
N ARG B 359 -11.03 -18.21 8.00
CA ARG B 359 -11.45 -19.60 8.15
C ARG B 359 -12.75 -19.63 8.94
N ILE B 360 -13.56 -20.65 8.65
CA ILE B 360 -14.74 -20.99 9.44
C ILE B 360 -14.38 -22.21 10.27
N LEU B 361 -14.53 -22.12 11.59
CA LEU B 361 -14.45 -23.27 12.44
C LEU B 361 -15.83 -23.59 12.92
N LEU B 362 -16.22 -24.85 12.79
CA LEU B 362 -17.49 -25.31 13.30
C LEU B 362 -17.26 -26.21 14.50
N ALA B 363 -18.11 -26.08 15.51
CA ALA B 363 -18.00 -26.88 16.72
C ALA B 363 -19.39 -27.24 17.20
N ARG B 364 -19.47 -28.38 17.86
CA ARG B 364 -20.76 -28.83 18.42
C ARG B 364 -20.53 -29.41 19.80
N ARG B 365 -21.60 -29.57 20.57
CA ARG B 365 -21.45 -30.06 21.93
C ARG B 365 -20.97 -31.50 21.92
N ALA B 366 -20.00 -31.75 22.79
CA ALA B 366 -19.51 -33.09 23.06
C ALA B 366 -20.30 -33.72 24.19
N THR B 367 -20.49 -32.93 25.25
CA THR B 367 -21.48 -33.12 26.33
C THR B 367 -21.01 -32.23 27.48
N SAH C . 20.02 12.15 -8.69
CA SAH C . 19.94 11.54 -7.35
CB SAH C . 19.17 12.44 -6.39
CG SAH C . 17.71 12.68 -6.78
SD SAH C . 16.77 13.59 -5.52
C SAH C . 19.27 10.18 -7.39
O SAH C . 19.43 9.40 -6.43
OXT SAH C . 18.56 9.97 -8.40
C5' SAH C . 16.92 15.30 -6.11
C4' SAH C . 18.27 15.93 -5.83
O4' SAH C . 18.26 17.22 -6.52
C3' SAH C . 18.54 16.21 -4.34
O3' SAH C . 19.83 15.81 -3.94
C2' SAH C . 18.32 17.72 -4.25
O2' SAH C . 19.04 18.36 -3.20
C1' SAH C . 18.77 18.20 -5.63
N9 SAH C . 18.23 19.48 -6.02
C8 SAH C . 16.92 19.78 -6.30
N7 SAH C . 16.73 21.02 -6.69
C5 SAH C . 18.00 21.56 -6.69
C6 SAH C . 18.50 22.82 -7.09
N6 SAH C . 17.70 23.82 -7.51
N1 SAH C . 19.82 23.02 -7.03
C2 SAH C . 20.60 22.03 -6.58
N3 SAH C . 20.26 20.81 -6.18
C4 SAH C . 18.94 20.63 -6.27
H2 SAH C . 21.56 22.24 -6.55
HN1 SAH C . 20.82 12.46 -8.92
HN2 SAH C . 19.28 12.18 -9.16
HA SAH C . 20.86 11.44 -7.06
HB1 SAH C . 19.61 13.31 -6.33
HB2 SAH C . 19.19 12.04 -5.49
HG1 SAH C . 17.25 11.82 -6.92
HG2 SAH C . 17.66 13.19 -7.61
H5'1 SAH C . 16.20 15.80 -5.67
H5'2 SAH C . 16.75 15.27 -7.08
H4' SAH C . 19.01 15.41 -6.18
H3' SAH C . 17.99 15.69 -3.73
HO3' SAH C . 20.29 16.49 -3.71
H2' SAH C . 17.37 17.89 -4.09
HO2' SAH C . 19.63 18.86 -3.57
H1' SAH C . 19.74 18.26 -5.73
H8 SAH C . 16.20 19.12 -6.22
HN61 SAH C . 16.83 23.72 -7.55
HN62 SAH C . 18.06 24.59 -7.75
O1 UNL D . 8.93 8.41 -2.09
O2 UNL D . 9.85 9.28 -2.97
O3 UNL D . 9.61 10.64 -3.22
O4 UNL D . 10.48 11.40 -4.00
O5 UNL D . 11.62 10.81 -4.58
O6 UNL D . 11.87 9.44 -4.35
O7 UNL D . 10.97 8.68 -3.58
O8 UNL D . 8.11 9.03 -1.33
O9 UNL D . 9.06 7.19 -2.06
O1 UNL E . -9.42 -2.75 9.10
O2 UNL E . -10.37 -3.57 9.96
O3 UNL E . -10.30 -3.51 11.36
O4 UNL E . -11.22 -4.22 12.14
O5 UNL E . -12.20 -5.03 11.55
O6 UNL E . -12.23 -5.09 10.16
O7 UNL E . -11.35 -4.39 9.36
O8 UNL E . -8.68 -1.90 9.62
O9 UNL E . -9.40 -2.97 7.86
N SAH F . -20.27 -9.75 12.65
CA SAH F . -20.22 -8.56 11.78
CB SAH F . -19.67 -7.35 12.54
CG SAH F . -18.23 -7.51 12.99
SD SAH F . -17.50 -6.03 13.74
C SAH F . -19.37 -8.76 10.55
O SAH F . -19.52 -8.07 9.56
OXT SAH F . -18.56 -9.76 10.60
C5' SAH F . -17.84 -6.27 15.50
C4' SAH F . -19.29 -6.07 15.88
O4' SAH F . -19.42 -6.53 17.25
C3' SAH F . -19.75 -4.61 15.85
O3' SAH F . -21.01 -4.45 15.20
C2' SAH F . -19.75 -4.23 17.33
O2' SAH F . -20.63 -3.17 17.70
C1' SAH F . -20.15 -5.56 17.97
N9 SAH F . -19.79 -5.68 19.37
C8 SAH F . -18.53 -5.75 19.91
N7 SAH F . -18.53 -5.85 21.22
C5 SAH F . -19.87 -5.87 21.55
C6 SAH F . -20.53 -5.99 22.77
N6 SAH F . -19.90 -6.07 23.95
N1 SAH F . -21.88 -5.99 22.74
C2 SAH F . -22.51 -5.87 21.58
N3 SAH F . -21.99 -5.74 20.36
C4 SAH F . -20.65 -5.76 20.41
H2 SAH F . -23.49 -5.87 21.64
HN1 SAH F . -20.89 -9.76 13.28
HN2 SAH F . -19.68 -10.38 12.50
HA SAH F . -21.15 -8.42 11.50
HB1 SAH F . -20.23 -7.19 13.33
HB2 SAH F . -19.73 -6.55 11.98
HG1 SAH F . -17.67 -7.76 12.23
HG2 SAH F . -18.17 -8.23 13.67
H5'1 SAH F . -17.27 -5.66 15.98
H5'2 SAH F . -17.56 -7.20 15.70
H4' SAH F . -19.91 -6.60 15.32
H3' SAH F . -19.21 -4.02 15.30
HO3' SAH F . -21.59 -4.18 15.75
H2' SAH F . -18.86 -3.94 17.59
HO2' SAH F . -21.27 -3.51 18.14
H1' SAH F . -21.11 -5.76 17.91
H8 SAH F . -17.72 -5.72 19.36
HN61 SAH F . -19.02 -6.04 23.98
HN62 SAH F . -20.35 -6.14 24.70
#